data_8E7T
#
_entry.id   8E7T
#
_cell.length_a   130.411
_cell.length_b   90.010
_cell.length_c   120.517
_cell.angle_alpha   90.000
_cell.angle_beta   108.328
_cell.angle_gamma   90.000
#
_symmetry.space_group_name_H-M   'C 1 2 1'
#
loop_
_entity.id
_entity.type
_entity.pdbx_description
1 polymer '3C-Like Protease'
2 non-polymer GLYCEROL
3 non-polymer 'SODIUM ION'
4 water water
#
_entity_poly.entity_id   1
_entity_poly.type   'polypeptide(L)'
_entity_poly.pdbx_seq_one_letter_code
;SGLVKMSHPSGDVEACMVQVTCGSMTLNGLWLDNTVWCPRHVMCPADQLSDPNYDALLISMTNHSFSVQKHIGAPANLRV
VGHAMQGTLLKLTVDVANPSTPAYTFTTVKPGAAFSVLACYNGRPTGTFTVVMRPNYTIKGSFLCGSAGSVGYTKEGSVI
NFCYMHQMELANGTHTGSAFDGTMYGAFMDKQVHQVQLTDKYCSVNVVAWLYAAILNGCAWFVKPNRTSVVSFNEWALAN
QFTEFVGTQSVDMLAVKTGVAIEQLLYAIQQLYTGFQGKQILGSTMLEDEFTPEDVNMQIMGVVMQ
;
_entity_poly.pdbx_strand_id   A,B,C,D
#
loop_
_chem_comp.id
_chem_comp.type
_chem_comp.name
_chem_comp.formula
GOL non-polymer GLYCEROL 'C3 H8 O3'
NA non-polymer 'SODIUM ION' 'Na 1'
#
# COMPACT_ATOMS: atom_id res chain seq x y z
N SER A 1 10.18 23.01 -23.24
CA SER A 1 9.00 22.78 -22.42
C SER A 1 8.97 21.36 -21.88
N GLY A 2 7.92 21.03 -21.13
CA GLY A 2 7.78 19.72 -20.53
C GLY A 2 8.11 19.73 -19.05
N LEU A 3 7.57 18.73 -18.35
CA LEU A 3 7.80 18.58 -16.91
C LEU A 3 7.87 17.10 -16.60
N VAL A 4 9.01 16.66 -16.05
CA VAL A 4 9.24 15.27 -15.71
C VAL A 4 9.93 15.21 -14.35
N LYS A 5 9.95 14.01 -13.77
N LYS A 5 9.97 14.01 -13.77
CA LYS A 5 10.71 13.79 -12.55
CA LYS A 5 10.71 13.79 -12.54
C LYS A 5 12.19 13.97 -12.82
C LYS A 5 12.20 13.97 -12.83
N MET A 6 12.79 14.98 -12.20
N MET A 6 12.80 14.99 -12.25
CA MET A 6 14.17 15.37 -12.49
CA MET A 6 14.19 15.35 -12.53
C MET A 6 15.01 15.25 -11.22
C MET A 6 15.02 15.27 -11.24
N SER A 7 16.20 14.69 -11.36
CA SER A 7 17.15 14.57 -10.27
C SER A 7 18.45 15.28 -10.65
N HIS A 8 19.17 15.73 -9.64
CA HIS A 8 20.47 16.34 -9.87
C HIS A 8 21.44 15.30 -10.43
N PRO A 9 22.42 15.73 -11.24
CA PRO A 9 23.48 14.82 -11.65
C PRO A 9 24.21 14.25 -10.44
N SER A 10 24.35 12.93 -10.42
CA SER A 10 24.86 12.23 -9.24
C SER A 10 26.38 12.15 -9.20
N GLY A 11 27.07 12.75 -10.17
CA GLY A 11 28.52 12.64 -10.29
C GLY A 11 29.32 12.93 -9.03
N ASP A 12 29.16 14.12 -8.46
CA ASP A 12 29.98 14.50 -7.30
C ASP A 12 29.58 13.73 -6.06
N VAL A 13 28.33 13.28 -5.96
CA VAL A 13 27.94 12.44 -4.83
C VAL A 13 28.43 11.01 -5.05
N GLU A 14 28.48 10.55 -6.31
CA GLU A 14 29.03 9.23 -6.60
C GLU A 14 30.45 9.10 -6.08
N ALA A 15 31.24 10.17 -6.20
CA ALA A 15 32.63 10.16 -5.76
C ALA A 15 32.78 10.09 -4.25
N CYS A 16 31.70 10.24 -3.49
CA CYS A 16 31.75 10.20 -2.04
C CYS A 16 31.16 8.93 -1.45
N MET A 17 30.58 8.05 -2.26
CA MET A 17 30.00 6.80 -1.77
C MET A 17 31.09 5.79 -1.46
N VAL A 18 30.92 5.06 -0.37
CA VAL A 18 31.86 4.01 0.04
C VAL A 18 31.06 2.83 0.55
N GLN A 19 31.76 1.71 0.72
CA GLN A 19 31.19 0.49 1.27
C GLN A 19 31.68 0.30 2.69
N VAL A 20 30.75 0.13 3.63
CA VAL A 20 31.07 -0.01 5.04
C VAL A 20 30.69 -1.41 5.49
N THR A 21 31.68 -2.15 5.98
CA THR A 21 31.48 -3.52 6.43
C THR A 21 31.83 -3.61 7.91
N CYS A 22 30.94 -4.23 8.69
CA CYS A 22 31.16 -4.47 10.12
C CYS A 22 30.81 -5.93 10.39
N GLY A 23 31.82 -6.78 10.50
CA GLY A 23 31.60 -8.19 10.68
C GLY A 23 31.05 -8.84 9.42
N SER A 24 29.80 -9.29 9.48
CA SER A 24 29.14 -9.92 8.35
C SER A 24 28.04 -9.04 7.73
N MET A 25 27.98 -7.77 8.12
CA MET A 25 27.02 -6.82 7.57
C MET A 25 27.73 -5.85 6.64
N THR A 26 27.09 -5.54 5.52
CA THR A 26 27.65 -4.66 4.50
C THR A 26 26.61 -3.62 4.13
N LEU A 27 26.98 -2.35 4.25
CA LEU A 27 26.07 -1.24 3.97
C LEU A 27 26.82 -0.14 3.24
N ASN A 28 26.07 0.88 2.80
CA ASN A 28 26.65 2.01 2.11
C ASN A 28 27.05 3.10 3.10
N GLY A 29 27.98 3.95 2.66
CA GLY A 29 28.46 5.03 3.49
C GLY A 29 28.80 6.26 2.67
N LEU A 30 28.80 7.40 3.35
CA LEU A 30 29.12 8.69 2.74
C LEU A 30 30.46 9.17 3.26
N TRP A 31 31.38 9.50 2.35
CA TRP A 31 32.76 9.83 2.69
C TRP A 31 33.01 11.30 2.36
N LEU A 32 33.15 12.12 3.41
CA LEU A 32 33.44 13.55 3.27
C LEU A 32 34.63 13.88 4.14
N ASP A 33 35.68 14.44 3.53
CA ASP A 33 36.95 14.70 4.21
C ASP A 33 37.45 13.42 4.88
N ASN A 34 37.71 13.48 6.18
CA ASN A 34 38.20 12.34 6.93
C ASN A 34 37.10 11.61 7.69
N THR A 35 35.82 11.88 7.36
CA THR A 35 34.69 11.31 8.05
C THR A 35 33.89 10.43 7.10
N VAL A 36 33.40 9.30 7.62
CA VAL A 36 32.54 8.39 6.87
C VAL A 36 31.27 8.18 7.66
N TRP A 37 30.14 8.62 7.10
N TRP A 37 30.14 8.61 7.09
CA TRP A 37 28.83 8.44 7.72
CA TRP A 37 28.84 8.45 7.72
C TRP A 37 28.17 7.18 7.20
C TRP A 37 28.17 7.19 7.20
N CYS A 38 27.48 6.47 8.09
CA CYS A 38 26.79 5.24 7.72
C CYS A 38 25.74 4.94 8.78
N PRO A 39 24.72 4.15 8.44
CA PRO A 39 23.71 3.79 9.45
C PRO A 39 24.31 2.96 10.57
N ARG A 40 23.81 3.18 11.78
CA ARG A 40 24.37 2.53 12.95
C ARG A 40 23.92 1.07 13.12
N HIS A 41 22.93 0.61 12.36
CA HIS A 41 22.53 -0.78 12.43
C HIS A 41 23.41 -1.69 11.58
N VAL A 42 24.50 -1.16 11.00
CA VAL A 42 25.51 -2.02 10.41
C VAL A 42 26.25 -2.79 11.50
N MET A 43 26.18 -2.32 12.74
CA MET A 43 26.75 -3.01 13.89
C MET A 43 25.87 -4.15 14.38
N CYS A 44 24.61 -4.17 13.98
CA CYS A 44 23.63 -5.10 14.53
C CYS A 44 23.65 -6.42 13.78
N PRO A 45 23.71 -7.55 14.48
CA PRO A 45 23.52 -8.84 13.83
C PRO A 45 22.09 -8.99 13.32
N ALA A 46 21.91 -9.98 12.43
CA ALA A 46 20.59 -10.18 11.82
C ALA A 46 19.55 -10.62 12.85
N ASP A 47 19.96 -11.38 13.87
CA ASP A 47 19.03 -11.89 14.85
C ASP A 47 18.69 -10.88 15.95
N GLN A 48 19.38 -9.74 15.99
CA GLN A 48 19.16 -8.73 17.02
C GLN A 48 18.46 -7.48 16.49
N LEU A 49 17.90 -7.54 15.28
CA LEU A 49 17.30 -6.35 14.68
C LEU A 49 16.00 -5.95 15.37
N SER A 50 15.33 -6.89 16.05
CA SER A 50 14.07 -6.55 16.72
C SER A 50 14.31 -5.61 17.89
N ASP A 51 15.27 -5.94 18.75
CA ASP A 51 15.63 -5.12 19.91
C ASP A 51 17.16 -5.01 19.93
N PRO A 52 17.71 -3.99 19.27
CA PRO A 52 19.16 -3.79 19.32
C PRO A 52 19.58 -2.88 20.47
N ASN A 53 20.66 -3.28 21.14
CA ASN A 53 21.31 -2.45 22.16
C ASN A 53 22.48 -1.75 21.50
N TYR A 54 22.20 -0.60 20.89
CA TYR A 54 23.22 0.10 20.11
C TYR A 54 24.36 0.61 20.99
N ASP A 55 24.07 0.93 22.25
CA ASP A 55 25.13 1.41 23.14
C ASP A 55 26.08 0.28 23.53
N ALA A 56 25.54 -0.92 23.77
CA ALA A 56 26.41 -2.06 24.08
C ALA A 56 27.17 -2.53 22.86
N LEU A 57 26.54 -2.46 21.68
CA LEU A 57 27.22 -2.84 20.45
C LEU A 57 28.37 -1.89 20.13
N LEU A 58 28.15 -0.59 20.36
CA LEU A 58 29.21 0.39 20.13
C LEU A 58 30.40 0.13 21.05
N ILE A 59 30.13 -0.16 22.32
CA ILE A 59 31.20 -0.45 23.28
C ILE A 59 32.00 -1.67 22.82
N SER A 60 31.32 -2.69 22.29
CA SER A 60 31.99 -3.89 21.81
C SER A 60 32.84 -3.63 20.58
N MET A 61 32.53 -2.59 19.81
CA MET A 61 33.27 -2.32 18.58
C MET A 61 34.64 -1.73 18.88
N THR A 62 35.57 -1.96 17.95
CA THR A 62 36.86 -1.29 17.92
C THR A 62 37.05 -0.68 16.54
N ASN A 63 38.18 -0.01 16.34
CA ASN A 63 38.46 0.59 15.04
C ASN A 63 38.58 -0.47 13.95
N HIS A 64 39.18 -1.61 14.28
CA HIS A 64 39.31 -2.70 13.32
C HIS A 64 38.00 -3.43 13.06
N SER A 65 36.95 -3.14 13.84
CA SER A 65 35.66 -3.78 13.61
C SER A 65 34.98 -3.27 12.35
N PHE A 66 35.42 -2.11 11.87
CA PHE A 66 34.85 -1.50 10.67
C PHE A 66 35.83 -1.44 9.50
N SER A 67 35.31 -1.74 8.33
N SER A 67 35.34 -1.78 8.33
CA SER A 67 36.10 -1.75 7.11
CA SER A 67 36.16 -1.71 7.13
C SER A 67 35.43 -0.87 6.07
C SER A 67 35.45 -0.86 6.09
N VAL A 68 36.18 0.10 5.53
CA VAL A 68 35.64 0.99 4.53
C VAL A 68 36.35 0.79 3.20
N GLN A 69 35.57 0.55 2.17
CA GLN A 69 36.13 0.29 0.86
C GLN A 69 35.53 1.22 -0.19
N LYS A 70 36.32 1.58 -1.18
CA LYS A 70 35.81 2.42 -2.25
C LYS A 70 35.84 1.61 -3.51
N HIS A 71 34.70 1.51 -4.18
CA HIS A 71 34.56 0.71 -5.38
C HIS A 71 34.49 1.49 -6.68
N ILE A 72 34.76 0.80 -7.78
CA ILE A 72 34.70 1.38 -9.12
C ILE A 72 35.66 2.56 -9.30
N GLY A 73 35.12 3.72 -9.68
CA GLY A 73 35.96 4.86 -9.91
C GLY A 73 36.74 5.26 -8.67
N ALA A 74 38.03 5.52 -8.87
CA ALA A 74 39.03 5.93 -7.89
C ALA A 74 39.24 4.96 -6.72
N PRO A 75 40.31 4.16 -6.80
CA PRO A 75 40.59 3.19 -5.74
C PRO A 75 41.05 3.85 -4.45
N ALA A 76 40.58 3.32 -3.33
CA ALA A 76 41.00 3.86 -2.04
C ALA A 76 41.13 2.78 -0.96
N ASN A 77 42.16 2.93 -0.14
CA ASN A 77 42.39 2.03 0.97
C ASN A 77 42.16 2.92 2.18
N LEU A 78 41.17 2.57 2.99
CA LEU A 78 40.83 3.40 4.13
C LEU A 78 40.98 2.71 5.44
N ARG A 79 41.66 3.37 6.36
CA ARG A 79 41.88 2.82 7.67
C ARG A 79 41.00 3.58 8.64
N VAL A 80 40.22 2.85 9.41
CA VAL A 80 39.37 3.45 10.39
C VAL A 80 40.22 3.76 11.60
N VAL A 81 40.47 5.03 11.83
CA VAL A 81 41.26 5.46 12.99
C VAL A 81 40.40 5.98 14.13
N GLY A 82 39.08 5.97 13.96
CA GLY A 82 38.19 6.41 15.02
C GLY A 82 36.76 6.08 14.65
N HIS A 83 35.92 5.98 15.67
CA HIS A 83 34.51 5.67 15.47
C HIS A 83 33.69 6.23 16.62
N ALA A 84 32.53 6.79 16.28
CA ALA A 84 31.59 7.31 17.26
C ALA A 84 30.19 7.21 16.68
N MET A 85 29.21 7.22 17.58
CA MET A 85 27.80 7.10 17.19
C MET A 85 27.09 8.41 17.48
N GLN A 86 26.38 8.93 16.48
CA GLN A 86 25.65 10.19 16.57
C GLN A 86 24.20 9.90 16.22
N GLY A 87 23.34 9.86 17.23
CA GLY A 87 21.95 9.54 16.99
C GLY A 87 21.81 8.14 16.44
N THR A 88 21.31 8.04 15.21
CA THR A 88 21.11 6.76 14.54
C THR A 88 22.14 6.52 13.44
N LEU A 89 23.17 7.35 13.37
CA LEU A 89 24.25 7.18 12.40
C LEU A 89 25.56 6.87 13.11
N LEU A 90 26.51 6.36 12.35
CA LEU A 90 27.86 6.13 12.82
C LEU A 90 28.79 7.15 12.20
N LYS A 91 29.69 7.70 13.00
CA LYS A 91 30.68 8.68 12.56
C LYS A 91 32.04 8.02 12.61
N LEU A 92 32.50 7.50 11.47
CA LEU A 92 33.80 6.85 11.38
C LEU A 92 34.83 7.85 10.87
N THR A 93 36.01 7.85 11.50
CA THR A 93 37.12 8.67 11.06
C THR A 93 38.11 7.79 10.31
N VAL A 94 38.56 8.27 9.14
CA VAL A 94 39.45 7.51 8.28
C VAL A 94 40.76 8.29 8.11
N ASP A 95 41.81 7.54 7.80
CA ASP A 95 43.16 8.12 7.72
C ASP A 95 43.34 8.99 6.49
N VAL A 96 42.49 8.84 5.47
CA VAL A 96 42.64 9.55 4.20
C VAL A 96 41.45 10.47 4.01
N ALA A 97 41.73 11.74 3.73
CA ALA A 97 40.68 12.69 3.38
C ALA A 97 40.25 12.48 1.93
N ASN A 98 38.94 12.50 1.70
CA ASN A 98 38.39 12.28 0.36
C ASN A 98 38.84 13.40 -0.57
N PRO A 99 39.69 13.10 -1.55
CA PRO A 99 40.15 14.16 -2.47
C PRO A 99 39.04 14.77 -3.28
N SER A 100 37.93 14.05 -3.47
CA SER A 100 36.78 14.56 -4.22
C SER A 100 35.70 15.13 -3.30
N THR A 101 36.07 15.55 -2.10
CA THR A 101 35.11 16.16 -1.19
C THR A 101 34.59 17.47 -1.79
N PRO A 102 33.30 17.58 -2.09
CA PRO A 102 32.76 18.82 -2.62
C PRO A 102 32.43 19.80 -1.50
N ALA A 103 32.04 21.00 -1.90
CA ALA A 103 31.45 21.94 -0.96
C ALA A 103 30.09 21.41 -0.55
N TYR A 104 29.89 21.20 0.74
CA TYR A 104 28.66 20.56 1.22
C TYR A 104 28.18 21.22 2.49
N THR A 105 26.93 20.88 2.85
CA THR A 105 26.30 21.34 4.08
C THR A 105 25.26 20.31 4.49
N PHE A 106 24.78 20.43 5.73
CA PHE A 106 23.81 19.49 6.29
C PHE A 106 22.57 20.25 6.72
N THR A 107 21.40 19.79 6.25
N THR A 107 21.42 19.83 6.21
CA THR A 107 20.14 20.42 6.59
CA THR A 107 20.13 20.40 6.59
C THR A 107 19.07 19.36 6.78
C THR A 107 19.13 19.30 6.86
N THR A 108 18.23 19.56 7.80
CA THR A 108 17.09 18.69 8.06
C THR A 108 15.89 19.27 7.31
N VAL A 109 15.45 18.57 6.27
CA VAL A 109 14.44 19.11 5.37
C VAL A 109 13.06 19.03 6.01
N LYS A 110 12.24 20.02 5.73
CA LYS A 110 10.85 20.04 6.18
C LYS A 110 9.98 19.21 5.24
N PRO A 111 8.79 18.82 5.68
CA PRO A 111 7.86 18.15 4.78
C PRO A 111 7.51 19.04 3.59
N GLY A 112 7.46 18.43 2.40
CA GLY A 112 7.22 19.14 1.17
C GLY A 112 8.49 19.44 0.38
N ALA A 113 9.64 19.42 1.03
CA ALA A 113 10.90 19.65 0.33
C ALA A 113 11.28 18.42 -0.48
N ALA A 114 11.86 18.65 -1.65
CA ALA A 114 12.29 17.59 -2.55
C ALA A 114 13.81 17.48 -2.53
N PHE A 115 14.31 16.28 -2.81
CA PHE A 115 15.74 16.07 -2.89
C PHE A 115 16.01 14.84 -3.75
N SER A 116 17.20 14.81 -4.33
CA SER A 116 17.64 13.68 -5.14
C SER A 116 18.19 12.58 -4.23
N VAL A 117 17.96 11.33 -4.63
CA VAL A 117 18.40 10.16 -3.88
C VAL A 117 19.34 9.35 -4.78
N LEU A 118 20.49 8.98 -4.23
CA LEU A 118 21.45 8.13 -4.92
C LEU A 118 21.42 6.75 -4.25
N ALA A 119 20.63 5.84 -4.83
CA ALA A 119 20.50 4.50 -4.28
C ALA A 119 21.77 3.70 -4.53
N CYS A 120 22.32 3.11 -3.47
CA CYS A 120 23.57 2.37 -3.57
C CYS A 120 23.43 1.03 -2.87
N TYR A 121 24.20 0.05 -3.35
CA TYR A 121 24.24 -1.29 -2.76
C TYR A 121 25.70 -1.73 -2.72
N ASN A 122 26.19 -2.05 -1.52
CA ASN A 122 27.59 -2.42 -1.33
C ASN A 122 28.53 -1.33 -1.81
N GLY A 123 28.14 -0.07 -1.58
CA GLY A 123 28.95 1.07 -1.96
C GLY A 123 28.94 1.42 -3.43
N ARG A 124 28.07 0.80 -4.23
CA ARG A 124 28.04 1.05 -5.66
C ARG A 124 26.75 1.77 -6.04
N PRO A 125 26.82 2.97 -6.61
CA PRO A 125 25.60 3.65 -7.07
C PRO A 125 24.92 2.84 -8.16
N THR A 126 23.61 2.62 -7.99
N THR A 126 23.61 2.62 -8.00
CA THR A 126 22.82 1.84 -8.92
CA THR A 126 22.81 1.83 -8.93
C THR A 126 21.76 2.66 -9.64
C THR A 126 21.68 2.58 -9.58
N GLY A 127 21.22 3.69 -9.00
CA GLY A 127 20.17 4.47 -9.61
C GLY A 127 19.93 5.75 -8.83
N THR A 128 19.29 6.70 -9.51
CA THR A 128 18.95 7.98 -8.90
C THR A 128 17.49 8.31 -9.18
N PHE A 129 16.86 8.97 -8.21
CA PHE A 129 15.47 9.37 -8.32
C PHE A 129 15.21 10.48 -7.33
N THR A 130 14.16 11.26 -7.61
CA THR A 130 13.79 12.40 -6.78
C THR A 130 12.54 12.06 -5.96
N VAL A 131 12.63 12.27 -4.65
CA VAL A 131 11.51 12.06 -3.75
C VAL A 131 11.18 13.39 -3.07
N VAL A 132 10.09 13.38 -2.31
CA VAL A 132 9.67 14.52 -1.50
C VAL A 132 9.49 14.03 -0.08
N MET A 133 10.02 14.79 0.88
CA MET A 133 9.79 14.48 2.28
C MET A 133 8.30 14.61 2.57
N ARG A 134 7.63 13.49 2.82
CA ARG A 134 6.19 13.48 2.95
C ARG A 134 5.77 14.15 4.25
N PRO A 135 4.52 14.63 4.33
CA PRO A 135 4.05 15.23 5.59
C PRO A 135 4.11 14.28 6.78
N ASN A 136 4.05 12.97 6.56
CA ASN A 136 4.22 11.99 7.63
C ASN A 136 5.68 11.62 7.85
N TYR A 137 6.60 12.40 7.31
CA TYR A 137 8.04 12.22 7.51
C TYR A 137 8.52 10.87 6.99
N THR A 138 7.92 10.42 5.89
CA THR A 138 8.40 9.29 5.11
C THR A 138 8.76 9.80 3.71
N ILE A 139 9.28 8.89 2.88
CA ILE A 139 9.48 9.17 1.47
C ILE A 139 9.01 7.97 0.67
N LYS A 140 8.57 8.24 -0.56
CA LYS A 140 8.07 7.21 -1.46
C LYS A 140 9.18 6.93 -2.47
N GLY A 141 10.09 6.03 -2.12
CA GLY A 141 11.23 5.70 -2.93
C GLY A 141 11.16 4.29 -3.50
N SER A 142 12.33 3.79 -3.92
CA SER A 142 12.48 2.44 -4.45
C SER A 142 13.75 1.86 -3.84
N PHE A 143 13.60 1.19 -2.70
CA PHE A 143 14.73 0.68 -1.94
C PHE A 143 14.58 -0.81 -1.70
N LEU A 144 15.68 -1.52 -1.79
CA LEU A 144 15.70 -2.94 -1.52
C LEU A 144 16.63 -3.20 -0.36
N CYS A 145 16.68 -4.43 0.11
CA CYS A 145 17.53 -4.72 1.23
C CYS A 145 18.98 -4.46 0.88
N GLY A 146 19.64 -3.79 1.79
CA GLY A 146 20.97 -3.32 1.52
C GLY A 146 21.05 -1.90 0.99
N SER A 147 19.95 -1.12 0.96
CA SER A 147 20.20 0.22 0.44
C SER A 147 20.51 1.23 1.53
N ALA A 148 20.56 0.81 2.79
CA ALA A 148 20.88 1.74 3.88
C ALA A 148 22.27 2.33 3.67
N GLY A 149 22.36 3.64 3.83
CA GLY A 149 23.54 4.40 3.47
C GLY A 149 23.36 5.25 2.24
N SER A 150 22.38 4.92 1.39
CA SER A 150 22.04 5.78 0.25
C SER A 150 21.66 7.17 0.76
N VAL A 151 22.14 8.20 0.07
CA VAL A 151 22.04 9.57 0.55
C VAL A 151 21.03 10.34 -0.28
N GLY A 152 20.32 11.24 0.40
CA GLY A 152 19.44 12.20 -0.26
C GLY A 152 20.07 13.59 -0.14
N TYR A 153 19.97 14.35 -1.23
N TYR A 153 19.96 14.37 -1.22
CA TYR A 153 20.69 15.62 -1.30
CA TYR A 153 20.68 15.63 -1.30
C TYR A 153 20.02 16.52 -2.32
C TYR A 153 20.02 16.52 -2.32
N THR A 154 20.39 17.80 -2.27
CA THR A 154 20.03 18.78 -3.28
C THR A 154 21.30 19.50 -3.71
N LYS A 155 21.24 20.10 -4.90
CA LYS A 155 22.38 20.84 -5.44
C LYS A 155 21.98 22.29 -5.63
N GLU A 156 22.66 23.18 -4.92
CA GLU A 156 22.46 24.63 -5.03
C GLU A 156 23.78 25.21 -5.52
N GLY A 157 23.84 25.55 -6.81
CA GLY A 157 25.10 25.98 -7.38
C GLY A 157 26.11 24.86 -7.32
N SER A 158 27.23 25.10 -6.64
CA SER A 158 28.25 24.09 -6.44
C SER A 158 28.21 23.49 -5.05
N VAL A 159 27.28 23.92 -4.20
CA VAL A 159 27.17 23.41 -2.84
C VAL A 159 26.16 22.26 -2.84
N ILE A 160 26.57 21.13 -2.27
CA ILE A 160 25.71 19.97 -2.12
C ILE A 160 25.09 20.00 -0.73
N ASN A 161 23.78 19.89 -0.66
CA ASN A 161 23.06 19.96 0.61
C ASN A 161 22.62 18.55 0.99
N PHE A 162 23.46 17.85 1.73
CA PHE A 162 23.12 16.52 2.20
C PHE A 162 22.02 16.60 3.27
N CYS A 163 20.97 15.81 3.09
CA CYS A 163 19.81 15.90 3.97
C CYS A 163 19.21 14.56 4.36
N TYR A 164 19.68 13.44 3.83
CA TYR A 164 19.01 12.17 4.03
C TYR A 164 20.01 11.03 3.87
N MET A 165 19.91 10.03 4.74
CA MET A 165 20.63 8.78 4.57
C MET A 165 19.66 7.65 4.88
N HIS A 166 19.42 6.79 3.90
CA HIS A 166 18.36 5.81 3.99
C HIS A 166 18.60 4.83 5.13
N GLN A 167 17.52 4.40 5.77
CA GLN A 167 17.61 3.51 6.92
C GLN A 167 16.72 2.28 6.78
N MET A 168 15.45 2.47 6.45
CA MET A 168 14.49 1.39 6.63
C MET A 168 13.27 1.59 5.74
N GLU A 169 12.45 0.55 5.65
CA GLU A 169 11.19 0.56 4.94
C GLU A 169 10.07 0.22 5.92
N LEU A 170 9.06 1.07 5.99
N LEU A 170 9.06 1.07 5.99
CA LEU A 170 7.96 0.89 6.93
CA LEU A 170 7.96 0.90 6.94
C LEU A 170 6.77 0.16 6.32
C LEU A 170 6.76 0.17 6.32
N ALA A 171 6.51 0.38 5.03
CA ALA A 171 5.42 -0.29 4.34
C ALA A 171 5.80 -0.36 2.86
N ASN A 172 4.89 -0.90 2.05
CA ASN A 172 5.17 -1.02 0.63
C ASN A 172 5.33 0.36 0.01
N GLY A 173 6.49 0.59 -0.60
CA GLY A 173 6.81 1.87 -1.20
C GLY A 173 7.13 2.97 -0.23
N THR A 174 7.01 2.73 1.08
CA THR A 174 7.18 3.76 2.10
C THR A 174 8.49 3.52 2.84
N HIS A 175 9.36 4.53 2.84
CA HIS A 175 10.67 4.42 3.45
C HIS A 175 10.92 5.63 4.33
N THR A 176 11.96 5.54 5.15
CA THR A 176 12.40 6.66 5.95
C THR A 176 13.86 6.47 6.31
N GLY A 177 14.50 7.58 6.66
CA GLY A 177 15.90 7.57 7.04
C GLY A 177 16.16 8.65 8.05
N SER A 178 17.43 9.01 8.24
CA SER A 178 17.81 9.97 9.25
C SER A 178 18.49 11.17 8.61
N ALA A 179 18.42 12.31 9.29
CA ALA A 179 19.22 13.45 8.92
C ALA A 179 20.65 13.26 9.40
N PHE A 180 21.57 14.01 8.80
CA PHE A 180 22.98 13.79 9.09
C PHE A 180 23.39 14.33 10.46
N ASP A 181 22.47 14.94 11.21
CA ASP A 181 22.72 15.19 12.63
C ASP A 181 22.45 13.97 13.49
N GLY A 182 22.02 12.86 12.89
CA GLY A 182 21.73 11.64 13.59
C GLY A 182 20.26 11.41 13.88
N THR A 183 19.45 12.46 13.87
CA THR A 183 18.03 12.31 14.17
C THR A 183 17.31 11.64 13.00
N MET A 184 16.43 10.69 13.33
N MET A 184 16.43 10.70 13.32
CA MET A 184 15.63 10.02 12.31
CA MET A 184 15.63 10.02 12.31
C MET A 184 14.42 10.87 11.96
C MET A 184 14.42 10.87 11.96
N TYR A 185 14.08 10.90 10.67
CA TYR A 185 12.95 11.68 10.20
C TYR A 185 11.65 11.08 10.73
N GLY A 186 10.87 11.90 11.44
CA GLY A 186 9.63 11.42 12.03
C GLY A 186 9.78 10.70 13.34
N ALA A 187 10.90 10.90 14.03
CA ALA A 187 11.19 10.25 15.31
C ALA A 187 11.08 8.74 15.24
N PHE A 188 11.24 8.16 14.04
CA PHE A 188 11.24 6.72 13.91
C PHE A 188 12.49 6.13 14.56
N MET A 189 12.41 4.85 14.91
CA MET A 189 13.51 4.15 15.56
C MET A 189 14.07 3.10 14.62
N ASP A 190 15.39 2.91 14.68
CA ASP A 190 16.03 1.84 13.92
C ASP A 190 15.81 0.51 14.63
N LYS A 191 14.55 0.19 14.90
CA LYS A 191 14.13 -1.04 15.56
C LYS A 191 13.18 -1.78 14.63
N GLN A 192 13.33 -3.09 14.55
CA GLN A 192 12.45 -3.89 13.68
C GLN A 192 11.11 -4.22 14.32
N VAL A 193 10.51 -3.26 15.02
CA VAL A 193 9.19 -3.43 15.61
C VAL A 193 8.23 -2.50 14.90
N HIS A 194 6.94 -2.78 15.06
CA HIS A 194 5.92 -1.92 14.47
C HIS A 194 5.95 -0.54 15.10
N GLN A 195 5.86 0.49 14.27
CA GLN A 195 5.91 1.87 14.72
C GLN A 195 4.74 2.65 14.13
N VAL A 196 4.30 3.67 14.87
CA VAL A 196 3.16 4.47 14.45
C VAL A 196 3.53 5.27 13.21
N GLN A 197 2.71 5.15 12.17
N GLN A 197 2.72 5.14 12.16
CA GLN A 197 2.89 5.90 10.93
CA GLN A 197 2.89 5.90 10.93
C GLN A 197 1.71 6.84 10.75
C GLN A 197 1.71 6.85 10.76
N LEU A 198 1.99 8.15 10.73
CA LEU A 198 0.95 9.13 10.54
C LEU A 198 0.43 9.08 9.10
N THR A 199 -0.77 9.63 8.91
CA THR A 199 -1.39 9.63 7.59
C THR A 199 -0.73 10.66 6.69
N ASP A 200 -0.44 10.25 5.46
CA ASP A 200 0.12 11.16 4.47
C ASP A 200 -0.88 12.26 4.12
N LYS A 201 -0.34 13.37 3.62
CA LYS A 201 -1.15 14.49 3.18
C LYS A 201 -0.66 14.97 1.82
N TYR A 202 -1.57 15.54 1.04
CA TYR A 202 -1.18 16.21 -0.19
C TYR A 202 -0.46 17.51 0.13
N CYS A 203 0.72 17.69 -0.46
CA CYS A 203 1.48 18.93 -0.30
C CYS A 203 0.82 20.00 -1.16
N SER A 204 0.12 20.94 -0.52
N SER A 204 0.13 20.94 -0.52
CA SER A 204 -0.69 21.89 -1.26
CA SER A 204 -0.70 21.89 -1.27
C SER A 204 0.16 22.82 -2.12
C SER A 204 0.15 22.83 -2.12
N VAL A 205 1.27 23.31 -1.58
CA VAL A 205 2.10 24.25 -2.33
C VAL A 205 2.70 23.60 -3.57
N ASN A 206 2.92 22.28 -3.52
CA ASN A 206 3.49 21.59 -4.68
C ASN A 206 2.44 21.33 -5.74
N VAL A 207 1.20 21.04 -5.33
CA VAL A 207 0.12 20.88 -6.31
C VAL A 207 -0.12 22.20 -7.04
N VAL A 208 -0.05 23.31 -6.31
CA VAL A 208 -0.20 24.62 -6.93
C VAL A 208 0.91 24.83 -7.96
N ALA A 209 2.15 24.53 -7.58
CA ALA A 209 3.27 24.64 -8.52
C ALA A 209 3.06 23.74 -9.73
N TRP A 210 2.58 22.52 -9.51
CA TRP A 210 2.34 21.59 -10.62
C TRP A 210 1.26 22.11 -11.55
N LEU A 211 0.27 22.82 -11.02
CA LEU A 211 -0.77 23.40 -11.87
C LEU A 211 -0.24 24.59 -12.65
N TYR A 212 0.61 25.40 -12.03
CA TYR A 212 1.28 26.48 -12.76
C TYR A 212 2.14 25.93 -13.89
N ALA A 213 2.86 24.84 -13.64
CA ALA A 213 3.64 24.21 -14.69
C ALA A 213 2.76 23.75 -15.84
N ALA A 214 1.58 23.22 -15.51
CA ALA A 214 0.64 22.79 -16.56
C ALA A 214 0.15 23.99 -17.36
N ILE A 215 -0.21 25.08 -16.67
CA ILE A 215 -0.63 26.30 -17.37
C ILE A 215 0.46 26.78 -18.31
N LEU A 216 1.71 26.77 -17.84
CA LEU A 216 2.84 27.18 -18.67
C LEU A 216 3.12 26.21 -19.81
N ASN A 217 2.49 25.04 -19.82
CA ASN A 217 2.66 24.06 -20.88
C ASN A 217 1.40 23.90 -21.73
N GLY A 218 0.54 24.91 -21.75
CA GLY A 218 -0.65 24.87 -22.59
C GLY A 218 -1.79 24.04 -22.06
N CYS A 219 -1.83 23.77 -20.75
CA CYS A 219 -2.90 22.99 -20.13
C CYS A 219 -3.47 23.80 -18.97
N ALA A 220 -4.60 24.48 -19.22
CA ALA A 220 -5.20 25.34 -18.20
C ALA A 220 -6.72 25.27 -18.24
N TRP A 221 -7.29 24.14 -18.65
CA TRP A 221 -8.73 24.00 -18.69
C TRP A 221 -9.35 24.12 -17.29
N PHE A 222 -8.57 23.76 -16.26
CA PHE A 222 -9.05 23.81 -14.88
C PHE A 222 -9.09 25.22 -14.30
N VAL A 223 -8.59 26.21 -15.03
CA VAL A 223 -8.53 27.58 -14.52
C VAL A 223 -9.87 28.27 -14.74
N LYS A 224 -10.46 28.76 -13.67
CA LYS A 224 -11.74 29.44 -13.68
C LYS A 224 -11.61 30.76 -12.94
N PRO A 225 -12.55 31.69 -13.13
CA PRO A 225 -12.51 32.93 -12.34
C PRO A 225 -12.75 32.69 -10.86
N ASN A 226 -13.25 31.51 -10.48
CA ASN A 226 -13.52 31.22 -9.08
C ASN A 226 -12.22 31.22 -8.28
N ARG A 227 -12.28 31.77 -7.08
N ARG A 227 -12.28 31.77 -7.08
CA ARG A 227 -11.11 31.89 -6.22
CA ARG A 227 -11.12 31.88 -6.21
C ARG A 227 -11.45 31.37 -4.82
C ARG A 227 -11.45 31.35 -4.82
N THR A 228 -10.45 30.76 -4.18
CA THR A 228 -10.55 30.31 -2.80
C THR A 228 -9.39 30.93 -2.03
N SER A 229 -9.71 31.69 -0.99
CA SER A 229 -8.68 32.39 -0.23
C SER A 229 -7.75 31.39 0.44
N VAL A 230 -6.54 31.86 0.77
CA VAL A 230 -5.58 31.03 1.48
C VAL A 230 -6.14 30.60 2.83
N VAL A 231 -6.79 31.53 3.53
CA VAL A 231 -7.34 31.21 4.85
C VAL A 231 -8.44 30.16 4.72
N SER A 232 -9.34 30.35 3.74
N SER A 232 -9.34 30.35 3.74
CA SER A 232 -10.43 29.39 3.56
CA SER A 232 -10.43 29.39 3.56
C SER A 232 -9.92 28.04 3.04
C SER A 232 -9.93 28.05 3.04
N PHE A 233 -8.89 28.07 2.20
CA PHE A 233 -8.32 26.81 1.72
C PHE A 233 -7.66 26.04 2.85
N ASN A 234 -6.93 26.74 3.73
CA ASN A 234 -6.23 26.08 4.81
C ASN A 234 -7.20 25.50 5.84
N GLU A 235 -8.37 26.10 5.99
CA GLU A 235 -9.41 25.48 6.82
C GLU A 235 -9.98 24.24 6.14
N TRP A 236 -10.18 24.32 4.82
CA TRP A 236 -10.61 23.15 4.06
C TRP A 236 -9.52 22.08 4.02
N ALA A 237 -8.25 22.49 4.02
CA ALA A 237 -7.15 21.54 3.93
C ALA A 237 -7.05 20.66 5.17
N LEU A 238 -7.37 21.22 6.34
CA LEU A 238 -7.31 20.44 7.57
C LEU A 238 -8.29 19.27 7.54
N ALA A 239 -9.46 19.49 6.96
CA ALA A 239 -10.50 18.46 6.92
C ALA A 239 -10.30 17.44 5.81
N ASN A 240 -9.42 17.71 4.84
CA ASN A 240 -9.30 16.88 3.65
C ASN A 240 -7.89 16.34 3.46
N GLN A 241 -7.08 16.32 4.51
CA GLN A 241 -5.73 15.74 4.48
C GLN A 241 -4.85 16.45 3.45
N PHE A 242 -4.89 17.77 3.46
CA PHE A 242 -4.00 18.59 2.66
C PHE A 242 -3.13 19.42 3.60
N THR A 243 -1.90 19.68 3.18
CA THR A 243 -1.02 20.53 3.98
C THR A 243 -1.53 21.97 3.95
N GLU A 244 -1.11 22.74 4.95
CA GLU A 244 -1.42 24.16 4.96
C GLU A 244 -0.57 24.87 3.92
N PHE A 245 -1.22 25.68 3.07
CA PHE A 245 -0.51 26.41 2.04
C PHE A 245 0.20 27.61 2.65
N VAL A 246 1.47 27.79 2.28
CA VAL A 246 2.27 28.94 2.68
C VAL A 246 2.94 29.47 1.42
N GLY A 247 2.57 30.68 1.01
CA GLY A 247 3.14 31.25 -0.19
C GLY A 247 4.59 31.66 -0.01
N THR A 248 5.38 31.49 -1.07
CA THR A 248 6.76 31.91 -1.11
C THR A 248 6.97 32.78 -2.35
N GLN A 249 8.18 33.32 -2.46
CA GLN A 249 8.54 34.06 -3.67
C GLN A 249 8.52 33.16 -4.89
N SER A 250 8.91 31.89 -4.73
N SER A 250 8.91 31.89 -4.73
CA SER A 250 8.92 30.95 -5.85
CA SER A 250 8.92 30.95 -5.85
C SER A 250 7.54 30.77 -6.45
C SER A 250 7.53 30.78 -6.45
N VAL A 251 6.50 30.75 -5.60
CA VAL A 251 5.14 30.60 -6.12
C VAL A 251 4.65 31.91 -6.73
N ASP A 252 5.10 33.06 -6.22
CA ASP A 252 4.62 34.34 -6.73
C ASP A 252 5.14 34.59 -8.14
N MET A 253 6.38 34.18 -8.44
CA MET A 253 6.87 34.31 -9.82
C MET A 253 6.00 33.51 -10.78
N LEU A 254 5.51 32.35 -10.34
CA LEU A 254 4.65 31.55 -11.20
C LEU A 254 3.30 32.23 -11.42
N ALA A 255 2.74 32.83 -10.36
CA ALA A 255 1.50 33.58 -10.51
C ALA A 255 1.67 34.75 -11.47
N VAL A 256 2.80 35.45 -11.38
CA VAL A 256 3.07 36.56 -12.28
C VAL A 256 3.33 36.06 -13.70
N LYS A 257 4.04 34.94 -13.82
CA LYS A 257 4.39 34.43 -15.15
C LYS A 257 3.14 34.03 -15.94
N THR A 258 2.15 33.45 -15.27
CA THR A 258 0.95 32.96 -15.94
C THR A 258 -0.21 33.96 -15.92
N GLY A 259 -0.23 34.88 -14.96
CA GLY A 259 -1.38 35.73 -14.78
C GLY A 259 -2.53 35.07 -14.04
N VAL A 260 -2.31 33.89 -13.47
CA VAL A 260 -3.32 33.16 -12.70
C VAL A 260 -2.97 33.30 -11.22
N ALA A 261 -3.93 33.77 -10.43
CA ALA A 261 -3.69 33.97 -9.01
C ALA A 261 -3.64 32.65 -8.27
N ILE A 262 -2.92 32.64 -7.15
CA ILE A 262 -2.84 31.45 -6.31
C ILE A 262 -4.23 30.99 -5.90
N GLU A 263 -5.12 31.94 -5.58
CA GLU A 263 -6.47 31.60 -5.15
C GLU A 263 -7.27 30.90 -6.24
N GLN A 264 -6.91 31.08 -7.52
CA GLN A 264 -7.57 30.33 -8.58
C GLN A 264 -7.17 28.87 -8.56
N LEU A 265 -5.89 28.59 -8.37
CA LEU A 265 -5.43 27.20 -8.32
C LEU A 265 -5.83 26.53 -7.01
N LEU A 266 -5.96 27.32 -5.93
CA LEU A 266 -6.47 26.76 -4.69
C LEU A 266 -7.91 26.29 -4.85
N TYR A 267 -8.71 27.05 -5.61
CA TYR A 267 -10.06 26.60 -5.92
C TYR A 267 -10.04 25.41 -6.86
N ALA A 268 -9.14 25.41 -7.84
CA ALA A 268 -9.08 24.31 -8.80
C ALA A 268 -8.70 23.00 -8.11
N ILE A 269 -7.84 23.08 -7.09
CA ILE A 269 -7.46 21.87 -6.35
C ILE A 269 -8.67 21.27 -5.65
N GLN A 270 -9.51 22.11 -5.05
CA GLN A 270 -10.69 21.62 -4.36
C GLN A 270 -11.63 20.89 -5.33
N GLN A 271 -11.72 21.37 -6.57
CA GLN A 271 -12.54 20.69 -7.57
C GLN A 271 -11.85 19.43 -8.07
N LEU A 272 -10.56 19.52 -8.41
CA LEU A 272 -9.84 18.37 -8.93
C LEU A 272 -9.71 17.26 -7.90
N TYR A 273 -9.75 17.61 -6.61
CA TYR A 273 -9.74 16.58 -5.57
C TYR A 273 -10.96 15.67 -5.68
N THR A 274 -12.10 16.24 -6.08
CA THR A 274 -13.31 15.44 -6.29
C THR A 274 -13.17 14.55 -7.53
N GLY A 275 -12.64 15.10 -8.62
CA GLY A 275 -12.48 14.35 -9.85
C GLY A 275 -11.96 15.20 -10.99
N PHE A 276 -11.29 14.58 -11.95
CA PHE A 276 -10.68 15.28 -13.07
C PHE A 276 -11.64 15.45 -14.24
N GLN A 277 -12.91 15.06 -14.08
CA GLN A 277 -13.93 15.19 -15.13
C GLN A 277 -13.51 14.48 -16.42
N GLY A 278 -12.82 13.35 -16.27
CA GLY A 278 -12.35 12.59 -17.41
C GLY A 278 -11.24 13.24 -18.21
N LYS A 279 -10.78 14.42 -17.81
CA LYS A 279 -9.70 15.10 -18.50
C LYS A 279 -8.35 14.76 -17.86
N GLN A 280 -7.28 15.29 -18.42
CA GLN A 280 -5.93 15.03 -17.93
C GLN A 280 -5.17 16.34 -17.80
N ILE A 281 -4.21 16.36 -16.88
CA ILE A 281 -3.35 17.50 -16.64
C ILE A 281 -1.92 17.02 -16.74
N LEU A 282 -1.20 17.48 -17.77
CA LEU A 282 0.17 17.04 -18.04
C LEU A 282 0.25 15.52 -18.12
N GLY A 283 -0.74 14.92 -18.78
CA GLY A 283 -0.81 13.48 -18.89
C GLY A 283 -1.23 12.75 -17.63
N SER A 284 -1.45 13.46 -16.54
CA SER A 284 -1.88 12.86 -15.28
C SER A 284 -3.37 13.04 -15.08
N THR A 285 -3.99 12.03 -14.47
CA THR A 285 -5.39 12.10 -14.07
C THR A 285 -5.55 12.11 -12.55
N MET A 286 -4.46 12.41 -11.83
CA MET A 286 -4.47 12.54 -10.38
C MET A 286 -3.57 13.70 -9.99
N LEU A 287 -3.78 14.21 -8.78
CA LEU A 287 -2.99 15.34 -8.30
C LEU A 287 -1.54 14.94 -8.10
N GLU A 288 -0.63 15.77 -8.59
CA GLU A 288 0.81 15.57 -8.42
C GLU A 288 1.32 16.57 -7.39
N ASP A 289 1.99 16.07 -6.35
CA ASP A 289 2.47 16.94 -5.28
C ASP A 289 3.94 16.73 -4.96
N GLU A 290 4.71 16.15 -5.88
CA GLU A 290 6.14 15.99 -5.71
C GLU A 290 6.93 16.90 -6.63
N PHE A 291 6.30 17.96 -7.14
CA PHE A 291 6.97 19.00 -7.92
C PHE A 291 6.88 20.29 -7.12
N THR A 292 8.02 20.74 -6.59
CA THR A 292 8.06 21.95 -5.79
C THR A 292 8.02 23.19 -6.70
N PRO A 293 7.69 24.36 -6.13
CA PRO A 293 7.77 25.59 -6.93
C PRO A 293 9.17 25.87 -7.44
N GLU A 294 10.20 25.53 -6.66
CA GLU A 294 11.57 25.73 -7.10
C GLU A 294 11.92 24.80 -8.26
N ASP A 295 11.36 23.58 -8.26
CA ASP A 295 11.61 22.66 -9.36
C ASP A 295 10.89 23.10 -10.63
N VAL A 296 9.67 23.62 -10.50
CA VAL A 296 8.93 24.12 -11.66
C VAL A 296 9.65 25.33 -12.26
N ASN A 297 10.10 26.24 -11.41
CA ASN A 297 10.84 27.41 -11.90
C ASN A 297 12.16 27.02 -12.57
N MET A 298 12.68 25.84 -12.27
N MET A 298 12.66 25.84 -12.27
CA MET A 298 13.93 25.41 -12.88
CA MET A 298 13.91 25.37 -12.85
C MET A 298 13.71 24.73 -14.22
C MET A 298 13.70 24.73 -14.21
N GLN A 299 12.57 24.06 -14.37
CA GLN A 299 12.27 23.37 -15.61
C GLN A 299 11.61 24.27 -16.65
N ILE A 300 10.83 25.26 -16.21
CA ILE A 300 10.23 26.21 -17.13
C ILE A 300 10.91 27.56 -16.92
N MET A 301 12.20 27.63 -17.25
CA MET A 301 12.93 28.88 -17.21
C MET A 301 12.65 29.68 -18.47
N GLY A 302 13.13 30.92 -18.48
CA GLY A 302 13.00 31.76 -19.66
C GLY A 302 13.40 33.20 -19.41
N VAL A 303 13.70 33.92 -20.49
CA VAL A 303 13.96 35.35 -20.39
C VAL A 303 12.66 36.06 -20.02
N VAL A 304 12.80 37.18 -19.31
CA VAL A 304 11.65 37.97 -18.87
C VAL A 304 11.83 39.38 -19.41
N MET A 305 10.93 39.79 -20.30
CA MET A 305 10.92 41.18 -20.76
C MET A 305 10.49 42.09 -19.62
N GLN A 306 11.28 43.12 -19.35
CA GLN A 306 11.01 44.00 -18.23
C GLN A 306 10.58 45.38 -18.69
N SER B 1 10.93 -2.38 -1.43
CA SER B 1 9.81 -2.30 -2.36
C SER B 1 9.64 -0.88 -2.89
N GLY B 2 8.65 -0.69 -3.75
CA GLY B 2 8.39 0.60 -4.34
C GLY B 2 8.84 0.67 -5.78
N LEU B 3 8.10 1.43 -6.60
CA LEU B 3 8.42 1.64 -7.99
C LEU B 3 8.43 3.13 -8.29
N VAL B 4 9.56 3.64 -8.76
CA VAL B 4 9.73 5.06 -9.06
C VAL B 4 10.38 5.19 -10.43
N LYS B 5 10.39 6.42 -10.93
CA LYS B 5 11.11 6.76 -12.17
C LYS B 5 12.59 6.85 -11.81
N MET B 6 13.36 5.84 -12.20
CA MET B 6 14.76 5.73 -11.85
C MET B 6 15.64 6.00 -13.07
N SER B 7 16.80 6.60 -12.81
CA SER B 7 17.81 6.86 -13.83
C SER B 7 19.13 6.26 -13.39
N HIS B 8 19.96 5.90 -14.38
CA HIS B 8 21.29 5.43 -14.09
C HIS B 8 22.12 6.54 -13.46
N PRO B 9 23.11 6.20 -12.63
N PRO B 9 23.11 6.20 -12.63
CA PRO B 9 24.04 7.23 -12.14
CA PRO B 9 24.05 7.22 -12.14
C PRO B 9 24.79 7.87 -13.30
C PRO B 9 24.79 7.87 -13.30
N SER B 10 24.71 9.20 -13.36
CA SER B 10 25.22 9.95 -14.50
C SER B 10 26.69 10.34 -14.37
N GLY B 11 27.39 9.88 -13.33
CA GLY B 11 28.76 10.32 -13.11
C GLY B 11 29.68 9.98 -14.27
N ASP B 12 29.54 8.78 -14.83
CA ASP B 12 30.40 8.38 -15.95
C ASP B 12 30.17 9.27 -17.16
N VAL B 13 28.92 9.57 -17.47
CA VAL B 13 28.61 10.39 -18.64
C VAL B 13 28.97 11.85 -18.39
N GLU B 14 28.86 12.32 -17.15
CA GLU B 14 29.18 13.70 -16.83
C GLU B 14 30.60 14.04 -17.23
N ALA B 15 31.53 13.09 -17.09
CA ALA B 15 32.93 13.31 -17.42
C ALA B 15 33.18 13.37 -18.92
N CYS B 16 32.18 13.12 -19.76
CA CYS B 16 32.33 13.17 -21.20
C CYS B 16 31.63 14.36 -21.84
N MET B 17 30.91 15.16 -21.06
CA MET B 17 30.21 16.31 -21.63
C MET B 17 31.15 17.49 -21.78
N VAL B 18 31.02 18.18 -22.91
CA VAL B 18 31.81 19.37 -23.22
C VAL B 18 30.91 20.41 -23.86
N GLN B 19 31.42 21.63 -23.94
N GLN B 19 31.43 21.63 -23.97
CA GLN B 19 30.73 22.72 -24.62
CA GLN B 19 30.72 22.73 -24.61
C GLN B 19 31.28 22.87 -26.03
C GLN B 19 31.28 22.93 -26.01
N VAL B 20 30.39 23.09 -26.99
CA VAL B 20 30.75 23.28 -28.38
C VAL B 20 30.21 24.63 -28.82
N THR B 21 31.11 25.56 -29.13
CA THR B 21 30.76 26.91 -29.55
C THR B 21 31.23 27.12 -30.98
N CYS B 22 30.28 27.46 -31.86
CA CYS B 22 30.57 27.72 -33.27
C CYS B 22 29.97 29.08 -33.61
N GLY B 23 30.80 30.12 -33.63
CA GLY B 23 30.32 31.46 -33.86
C GLY B 23 29.58 32.02 -32.67
N SER B 24 28.29 32.32 -32.85
CA SER B 24 27.45 32.82 -31.77
C SER B 24 26.49 31.77 -31.24
N MET B 25 26.65 30.52 -31.67
CA MET B 25 25.81 29.41 -31.22
C MET B 25 26.62 28.50 -30.32
N THR B 26 26.01 28.06 -29.22
CA THR B 26 26.66 27.22 -28.23
C THR B 26 25.76 26.02 -27.92
N LEU B 27 26.31 24.82 -28.05
CA LEU B 27 25.57 23.59 -27.78
C LEU B 27 26.37 22.68 -26.86
N ASN B 28 25.90 21.44 -26.67
CA ASN B 28 26.57 20.46 -25.84
C ASN B 28 27.23 19.39 -26.70
N GLY B 29 28.31 18.82 -26.19
CA GLY B 29 29.04 17.80 -26.91
C GLY B 29 29.36 16.61 -26.03
N LEU B 30 29.61 15.49 -26.68
CA LEU B 30 29.99 14.24 -26.03
C LEU B 30 31.42 13.90 -26.42
N TRP B 31 32.32 13.91 -25.46
CA TRP B 31 33.76 13.74 -25.70
C TRP B 31 34.15 12.30 -25.35
N LEU B 32 34.41 11.49 -26.38
CA LEU B 32 34.85 10.12 -26.23
C LEU B 32 36.10 9.91 -27.07
N ASP B 33 37.18 9.45 -26.45
CA ASP B 33 38.49 9.27 -27.09
C ASP B 33 38.87 10.61 -27.71
N ASN B 34 39.24 10.67 -28.99
CA ASN B 34 39.60 11.90 -29.66
C ASN B 34 38.45 12.47 -30.50
N THR B 35 37.23 12.00 -30.27
CA THR B 35 36.06 12.43 -31.03
C THR B 35 35.08 13.15 -30.11
N VAL B 36 34.49 14.23 -30.63
CA VAL B 36 33.48 15.00 -29.91
C VAL B 36 32.23 15.05 -30.79
N TRP B 37 31.16 14.41 -30.33
N TRP B 37 31.16 14.41 -30.33
CA TRP B 37 29.90 14.41 -31.06
CA TRP B 37 29.89 14.41 -31.05
C TRP B 37 29.03 15.57 -30.57
C TRP B 37 29.03 15.57 -30.57
N CYS B 38 28.38 16.24 -31.52
CA CYS B 38 27.52 17.38 -31.20
C CYS B 38 26.54 17.56 -32.34
N PRO B 39 25.38 18.17 -32.08
CA PRO B 39 24.39 18.37 -33.15
C PRO B 39 24.93 19.27 -34.25
N ARG B 40 24.47 19.01 -35.48
CA ARG B 40 24.99 19.75 -36.63
C ARG B 40 24.48 21.19 -36.66
N HIS B 41 23.31 21.45 -36.07
CA HIS B 41 22.78 22.81 -36.16
C HIS B 41 23.52 23.80 -35.27
N VAL B 42 24.61 23.41 -34.61
CA VAL B 42 25.49 24.38 -33.98
C VAL B 42 26.15 25.26 -35.02
N MET B 43 26.21 24.80 -36.28
CA MET B 43 26.76 25.58 -37.37
C MET B 43 25.80 26.69 -37.81
N CYS B 44 24.51 26.51 -37.60
CA CYS B 44 23.50 27.40 -38.13
C CYS B 44 23.36 28.65 -37.26
N PRO B 45 23.29 29.83 -37.87
CA PRO B 45 23.08 31.05 -37.08
C PRO B 45 21.67 31.12 -36.54
N ALA B 46 21.50 32.00 -35.54
CA ALA B 46 20.24 32.06 -34.80
C ALA B 46 19.05 32.47 -35.66
N ASP B 47 19.29 33.01 -36.86
CA ASP B 47 18.21 33.47 -37.72
C ASP B 47 17.85 32.49 -38.82
N GLN B 48 18.66 31.45 -39.05
CA GLN B 48 18.46 30.53 -40.16
C GLN B 48 17.97 29.15 -39.70
N LEU B 49 17.44 29.04 -38.49
CA LEU B 49 17.01 27.73 -37.98
C LEU B 49 15.81 27.17 -38.75
N SER B 50 15.06 28.02 -39.46
CA SER B 50 13.87 27.55 -40.15
C SER B 50 14.23 26.86 -41.47
N ASP B 51 15.13 27.45 -42.26
CA ASP B 51 15.55 26.88 -43.54
C ASP B 51 17.08 26.92 -43.61
N PRO B 52 17.75 26.04 -42.89
CA PRO B 52 19.22 26.04 -42.91
C PRO B 52 19.76 25.27 -44.10
N ASN B 53 20.84 25.79 -44.67
CA ASN B 53 21.57 25.12 -45.75
C ASN B 53 22.83 24.52 -45.13
N TYR B 54 22.73 23.24 -44.73
CA TYR B 54 23.83 22.60 -44.04
C TYR B 54 24.98 22.30 -44.99
N ASP B 55 24.70 22.11 -46.29
CA ASP B 55 25.76 21.93 -47.26
C ASP B 55 26.64 23.17 -47.34
N ALA B 56 26.01 24.35 -47.41
CA ALA B 56 26.77 25.59 -47.49
C ALA B 56 27.42 25.93 -46.16
N LEU B 57 26.75 25.62 -45.05
CA LEU B 57 27.31 25.92 -43.74
C LEU B 57 28.55 25.08 -43.46
N LEU B 58 28.48 23.78 -43.73
CA LEU B 58 29.63 22.91 -43.51
C LEU B 58 30.81 23.31 -44.38
N ILE B 59 30.55 23.68 -45.63
CA ILE B 59 31.62 24.10 -46.53
C ILE B 59 32.30 25.35 -46.01
N SER B 60 31.53 26.26 -45.44
CA SER B 60 32.06 27.52 -44.90
C SER B 60 32.73 27.35 -43.54
N MET B 61 32.79 26.14 -42.99
CA MET B 61 33.37 25.91 -41.69
C MET B 61 34.80 25.40 -41.81
N THR B 62 35.62 25.77 -40.83
CA THR B 62 36.99 25.29 -40.71
C THR B 62 37.19 24.71 -39.31
N ASN B 63 38.37 24.14 -39.09
CA ASN B 63 38.68 23.58 -37.79
C ASN B 63 38.70 24.66 -36.71
N HIS B 64 39.07 25.89 -37.08
CA HIS B 64 39.08 27.01 -36.14
C HIS B 64 37.68 27.53 -35.84
N SER B 65 36.67 27.13 -36.62
CA SER B 65 35.31 27.60 -36.41
C SER B 65 34.64 26.98 -35.19
N PHE B 66 35.27 26.00 -34.56
CA PHE B 66 34.69 25.30 -33.43
C PHE B 66 35.55 25.49 -32.19
N SER B 67 34.91 25.87 -31.08
CA SER B 67 35.57 26.01 -29.79
C SER B 67 34.99 24.98 -28.84
N VAL B 68 35.85 24.16 -28.25
CA VAL B 68 35.42 23.08 -27.36
C VAL B 68 36.09 23.29 -26.01
N GLN B 69 35.28 23.33 -24.95
CA GLN B 69 35.77 23.51 -23.59
C GLN B 69 35.12 22.48 -22.68
N LYS B 70 35.90 21.98 -21.73
CA LYS B 70 35.41 21.09 -20.69
C LYS B 70 35.42 21.84 -19.36
N HIS B 71 34.28 21.86 -18.68
CA HIS B 71 34.13 22.63 -17.44
C HIS B 71 34.17 21.77 -16.19
N ILE B 72 33.44 20.66 -16.18
CA ILE B 72 33.41 19.80 -15.00
C ILE B 72 34.76 19.09 -14.84
N GLY B 73 35.11 18.81 -13.59
CA GLY B 73 36.36 18.12 -13.33
C GLY B 73 37.54 19.02 -13.65
N ALA B 74 38.52 18.47 -14.37
CA ALA B 74 39.68 19.24 -14.76
C ALA B 74 39.36 20.11 -15.97
N PRO B 75 39.39 21.43 -15.85
CA PRO B 75 39.05 22.29 -17.00
C PRO B 75 40.11 22.17 -18.09
N ALA B 76 39.64 22.12 -19.33
CA ALA B 76 40.54 21.92 -20.46
C ALA B 76 39.99 22.65 -21.68
N ASN B 77 40.90 23.09 -22.54
CA ASN B 77 40.58 23.66 -23.84
C ASN B 77 41.01 22.65 -24.90
N LEU B 78 40.07 22.26 -25.76
CA LEU B 78 40.30 21.22 -26.75
C LEU B 78 40.47 21.83 -28.13
N ARG B 79 41.55 21.47 -28.81
CA ARG B 79 41.82 21.97 -30.15
C ARG B 79 41.21 21.03 -31.18
N VAL B 80 40.34 21.57 -32.03
CA VAL B 80 39.70 20.77 -33.07
C VAL B 80 40.68 20.61 -34.23
N VAL B 81 40.96 19.36 -34.61
CA VAL B 81 41.91 19.05 -35.67
C VAL B 81 41.21 18.40 -36.86
N GLY B 82 39.89 18.35 -36.86
CA GLY B 82 39.14 17.76 -37.96
C GLY B 82 37.65 17.71 -37.66
N HIS B 83 36.83 17.82 -38.69
CA HIS B 83 35.38 17.80 -38.51
C HIS B 83 34.74 17.11 -39.70
N ALA B 84 33.82 16.18 -39.39
CA ALA B 84 33.04 15.48 -40.41
C ALA B 84 31.56 15.63 -40.08
N MET B 85 30.73 15.35 -41.08
CA MET B 85 29.28 15.55 -40.99
C MET B 85 28.60 14.22 -41.20
N GLN B 86 27.93 13.73 -40.15
CA GLN B 86 27.27 12.42 -40.17
C GLN B 86 25.78 12.64 -39.92
N GLY B 87 24.99 12.66 -40.99
CA GLY B 87 23.55 12.82 -40.85
C GLY B 87 23.22 14.16 -40.23
N THR B 88 22.55 14.12 -39.08
CA THR B 88 22.20 15.33 -38.34
C THR B 88 23.20 15.64 -37.24
N LEU B 89 24.32 14.92 -37.18
CA LEU B 89 25.33 15.12 -36.16
C LEU B 89 26.63 15.62 -36.76
N LEU B 90 27.35 16.41 -35.98
CA LEU B 90 28.69 16.84 -36.34
C LEU B 90 29.71 15.97 -35.62
N LYS B 91 30.70 15.48 -36.35
CA LYS B 91 31.76 14.64 -35.80
C LYS B 91 33.03 15.48 -35.72
N LEU B 92 33.42 15.86 -34.51
CA LEU B 92 34.61 16.66 -34.29
C LEU B 92 35.75 15.77 -33.85
N THR B 93 36.95 16.09 -34.31
CA THR B 93 38.17 15.38 -33.93
C THR B 93 39.07 16.35 -33.18
N VAL B 94 39.42 16.01 -31.94
CA VAL B 94 40.22 16.87 -31.09
C VAL B 94 41.60 16.26 -30.92
N ASP B 95 42.56 17.10 -30.50
CA ASP B 95 43.95 16.69 -30.37
C ASP B 95 44.23 15.93 -29.08
N VAL B 96 43.30 15.89 -28.14
CA VAL B 96 43.49 15.23 -26.85
C VAL B 96 42.39 14.19 -26.66
N ALA B 97 42.78 13.00 -26.24
CA ALA B 97 41.82 11.96 -25.93
C ALA B 97 41.27 12.15 -24.52
N ASN B 98 39.98 11.89 -24.36
CA ASN B 98 39.33 12.01 -23.06
C ASN B 98 39.85 10.95 -22.11
N PRO B 99 40.59 11.31 -21.05
CA PRO B 99 41.10 10.27 -20.13
C PRO B 99 40.00 9.61 -19.31
N SER B 100 38.81 10.19 -19.27
CA SER B 100 37.68 9.61 -18.56
C SER B 100 36.73 8.87 -19.49
N THR B 101 37.23 8.41 -20.63
CA THR B 101 36.39 7.70 -21.59
C THR B 101 35.99 6.35 -21.01
N PRO B 102 34.71 6.08 -20.81
CA PRO B 102 34.28 4.78 -20.29
C PRO B 102 34.07 3.78 -21.42
N ALA B 103 33.86 2.53 -21.02
CA ALA B 103 33.47 1.51 -21.97
C ALA B 103 32.12 1.85 -22.56
N TYR B 104 32.08 2.02 -23.88
CA TYR B 104 30.86 2.49 -24.54
C TYR B 104 30.69 1.81 -25.89
N THR B 105 29.43 1.61 -26.26
CA THR B 105 29.04 1.27 -27.62
C THR B 105 27.90 2.21 -28.04
N PHE B 106 27.53 2.14 -29.31
CA PHE B 106 26.44 2.93 -29.85
C PHE B 106 25.29 2.01 -30.22
N THR B 107 24.08 2.38 -29.81
CA THR B 107 22.89 1.58 -30.05
C THR B 107 21.76 2.48 -30.53
N THR B 108 20.84 1.90 -31.29
CA THR B 108 19.63 2.59 -31.74
C THR B 108 18.44 1.91 -31.06
N VAL B 109 17.78 2.64 -30.16
CA VAL B 109 16.70 2.06 -29.36
C VAL B 109 15.45 1.91 -30.21
N LYS B 110 14.70 0.85 -29.93
CA LYS B 110 13.41 0.59 -30.55
C LYS B 110 12.29 1.19 -29.70
N PRO B 111 11.14 1.45 -30.31
CA PRO B 111 9.99 1.94 -29.52
C PRO B 111 9.69 1.04 -28.34
N GLY B 112 9.47 1.66 -27.19
CA GLY B 112 9.27 0.96 -25.94
C GLY B 112 10.51 0.87 -25.08
N ALA B 113 11.70 1.01 -25.66
CA ALA B 113 12.92 0.97 -24.88
C ALA B 113 13.10 2.25 -24.09
N ALA B 114 13.60 2.12 -22.87
CA ALA B 114 13.86 3.26 -22.00
C ALA B 114 15.35 3.56 -21.95
N PHE B 115 15.68 4.80 -21.60
CA PHE B 115 17.06 5.21 -21.43
C PHE B 115 17.12 6.46 -20.56
N SER B 116 18.27 6.68 -19.95
CA SER B 116 18.50 7.83 -19.10
C SER B 116 19.04 8.98 -19.94
N VAL B 117 18.56 10.19 -19.65
CA VAL B 117 18.96 11.40 -20.36
C VAL B 117 19.68 12.32 -19.39
N LEU B 118 20.84 12.82 -19.80
CA LEU B 118 21.59 13.80 -19.01
C LEU B 118 21.39 15.16 -19.67
N ALA B 119 20.49 15.97 -19.11
CA ALA B 119 20.23 17.30 -19.65
C ALA B 119 21.38 18.23 -19.32
N CYS B 120 21.90 18.91 -20.34
CA CYS B 120 23.06 19.77 -20.18
C CYS B 120 22.83 21.09 -20.89
N TYR B 121 23.46 22.14 -20.36
CA TYR B 121 23.41 23.48 -20.93
C TYR B 121 24.80 24.10 -20.82
N ASN B 122 25.31 24.59 -21.94
CA ASN B 122 26.67 25.14 -22.02
C ASN B 122 27.71 24.11 -21.56
N GLY B 123 27.47 22.84 -21.91
CA GLY B 123 28.36 21.78 -21.51
C GLY B 123 28.35 21.43 -20.05
N ARG B 124 27.38 21.96 -19.28
CA ARG B 124 27.29 21.69 -17.86
C ARG B 124 26.06 20.86 -17.57
N PRO B 125 26.19 19.68 -16.97
CA PRO B 125 25.01 18.87 -16.63
C PRO B 125 24.15 19.57 -15.57
N THR B 126 22.86 19.63 -15.83
CA THR B 126 21.92 20.28 -14.91
C THR B 126 20.86 19.34 -14.34
N GLY B 127 20.58 18.22 -14.99
CA GLY B 127 19.59 17.29 -14.48
C GLY B 127 19.56 16.04 -15.31
N THR B 128 18.99 14.98 -14.71
CA THR B 128 18.86 13.70 -15.39
C THR B 128 17.48 13.12 -15.14
N PHE B 129 16.96 12.41 -16.13
CA PHE B 129 15.66 11.78 -16.04
C PHE B 129 15.63 10.61 -17.02
N THR B 130 14.56 9.83 -16.94
CA THR B 130 14.39 8.63 -17.76
C THR B 130 13.17 8.79 -18.66
N VAL B 131 13.35 8.51 -19.94
CA VAL B 131 12.25 8.57 -20.90
C VAL B 131 12.13 7.22 -21.61
N VAL B 132 11.12 7.08 -22.46
CA VAL B 132 10.91 5.88 -23.27
C VAL B 132 10.71 6.33 -24.71
N MET B 133 11.43 5.69 -25.64
CA MET B 133 11.22 5.93 -27.06
C MET B 133 9.78 5.63 -27.43
N ARG B 134 9.00 6.67 -27.69
CA ARG B 134 7.58 6.47 -27.99
C ARG B 134 7.40 5.75 -29.32
N PRO B 135 6.29 5.03 -29.49
CA PRO B 135 6.04 4.36 -30.77
C PRO B 135 6.06 5.30 -31.97
N ASN B 136 5.74 6.57 -31.78
CA ASN B 136 5.86 7.57 -32.84
C ASN B 136 7.26 8.19 -32.89
N TYR B 137 8.23 7.57 -32.22
CA TYR B 137 9.64 7.96 -32.29
C TYR B 137 9.86 9.38 -31.76
N THR B 138 9.12 9.74 -30.72
CA THR B 138 9.37 10.93 -29.92
C THR B 138 9.70 10.51 -28.50
N ILE B 139 10.08 11.48 -27.67
CA ILE B 139 10.24 11.26 -26.24
C ILE B 139 9.57 12.40 -25.50
N LYS B 140 9.01 12.07 -24.34
CA LYS B 140 8.35 13.07 -23.48
C LYS B 140 9.33 13.45 -22.38
N GLY B 141 10.19 14.42 -22.70
CA GLY B 141 11.19 14.90 -21.78
C GLY B 141 10.90 16.29 -21.26
N SER B 142 11.94 16.91 -20.71
CA SER B 142 11.87 18.29 -20.20
C SER B 142 13.12 19.00 -20.70
N PHE B 143 13.01 19.70 -21.81
CA PHE B 143 14.14 20.36 -22.44
C PHE B 143 13.84 21.84 -22.67
N LEU B 144 14.86 22.67 -22.49
CA LEU B 144 14.79 24.08 -22.83
C LEU B 144 15.75 24.37 -23.97
N CYS B 145 15.70 25.60 -24.47
N CYS B 145 15.71 25.60 -24.46
CA CYS B 145 16.59 26.02 -25.55
CA CYS B 145 16.57 26.00 -25.57
C CYS B 145 18.03 25.97 -25.08
C CYS B 145 18.03 26.00 -25.12
N GLY B 146 18.86 25.23 -25.83
CA GLY B 146 20.25 25.03 -25.45
C GLY B 146 20.53 23.66 -24.89
N SER B 147 19.53 22.79 -24.78
CA SER B 147 19.72 21.42 -24.34
C SER B 147 20.13 20.49 -25.47
N ALA B 148 20.27 21.02 -26.70
CA ALA B 148 20.74 20.20 -27.80
C ALA B 148 22.14 19.68 -27.51
N GLY B 149 22.37 18.41 -27.85
CA GLY B 149 23.60 17.74 -27.49
C GLY B 149 23.52 16.94 -26.20
N SER B 150 22.47 17.12 -25.41
CA SER B 150 22.24 16.26 -24.26
C SER B 150 22.09 14.82 -24.74
N VAL B 151 22.68 13.89 -23.99
CA VAL B 151 22.81 12.51 -24.43
C VAL B 151 21.85 11.63 -23.65
N GLY B 152 21.25 10.67 -24.36
CA GLY B 152 20.52 9.58 -23.74
C GLY B 152 21.36 8.31 -23.85
N TYR B 153 21.24 7.45 -22.84
N TYR B 153 21.24 7.45 -22.84
CA TYR B 153 22.10 6.27 -22.77
CA TYR B 153 22.10 6.27 -22.77
C TYR B 153 21.46 5.23 -21.85
C TYR B 153 21.47 5.24 -21.85
N THR B 154 21.96 4.01 -21.98
CA THR B 154 21.61 2.91 -21.10
C THR B 154 22.90 2.30 -20.55
N LYS B 155 22.77 1.45 -19.54
CA LYS B 155 23.91 0.80 -18.91
C LYS B 155 23.63 -0.69 -18.88
N GLU B 156 24.32 -1.45 -19.73
CA GLU B 156 24.19 -2.90 -19.80
C GLU B 156 25.49 -3.50 -19.23
N GLY B 157 25.50 -3.73 -17.93
CA GLY B 157 26.69 -4.22 -17.26
C GLY B 157 27.64 -3.10 -16.90
N SER B 158 28.82 -3.08 -17.53
CA SER B 158 29.82 -2.05 -17.29
C SER B 158 30.04 -1.15 -18.49
N VAL B 159 29.33 -1.38 -19.59
CA VAL B 159 29.48 -0.59 -20.82
C VAL B 159 28.27 0.32 -20.96
N ILE B 160 28.52 1.60 -21.24
CA ILE B 160 27.46 2.56 -21.49
C ILE B 160 27.03 2.47 -22.95
N ASN B 161 25.72 2.38 -23.18
CA ASN B 161 25.18 2.28 -24.53
C ASN B 161 24.56 3.63 -24.91
N PHE B 162 25.36 4.47 -25.54
CA PHE B 162 24.86 5.77 -26.00
C PHE B 162 23.88 5.56 -27.15
N CYS B 163 22.70 6.14 -27.02
CA CYS B 163 21.62 5.89 -27.97
C CYS B 163 20.86 7.12 -28.42
N TYR B 164 21.08 8.29 -27.83
CA TYR B 164 20.25 9.44 -28.10
C TYR B 164 21.04 10.71 -27.84
N MET B 165 21.06 11.62 -28.82
CA MET B 165 21.57 12.97 -28.62
C MET B 165 20.44 13.94 -28.95
N HIS B 166 20.08 14.77 -27.98
CA HIS B 166 18.90 15.61 -28.12
C HIS B 166 19.08 16.59 -29.27
N GLN B 167 17.97 16.90 -29.95
CA GLN B 167 18.02 17.75 -31.13
C GLN B 167 17.02 18.91 -31.06
N MET B 168 15.73 18.61 -30.94
CA MET B 168 14.73 19.67 -31.03
C MET B 168 13.50 19.33 -30.21
N GLU B 169 12.55 20.26 -30.21
CA GLU B 169 11.26 20.14 -29.55
C GLU B 169 10.19 20.24 -30.64
N LEU B 170 9.59 19.10 -30.99
CA LEU B 170 8.63 19.08 -32.09
C LEU B 170 7.33 19.79 -31.69
N ALA B 171 6.81 19.49 -30.51
CA ALA B 171 5.60 20.13 -30.01
C ALA B 171 5.76 20.34 -28.52
N ASN B 172 4.67 20.76 -27.86
N ASN B 172 4.67 20.76 -27.86
CA ASN B 172 4.71 21.01 -26.43
CA ASN B 172 4.71 21.02 -26.43
C ASN B 172 5.01 19.73 -25.68
C ASN B 172 5.00 19.74 -25.66
N GLY B 173 6.11 19.73 -24.92
CA GLY B 173 6.51 18.57 -24.15
C GLY B 173 6.96 17.39 -24.97
N THR B 174 7.07 17.53 -26.30
CA THR B 174 7.40 16.44 -27.19
C THR B 174 8.72 16.75 -27.87
N HIS B 175 9.71 15.88 -27.70
CA HIS B 175 11.05 16.10 -28.20
C HIS B 175 11.50 14.91 -29.05
N THR B 176 12.59 15.12 -29.77
CA THR B 176 13.21 14.05 -30.53
C THR B 176 14.68 14.38 -30.75
N GLY B 177 15.44 13.35 -31.08
CA GLY B 177 16.85 13.49 -31.33
C GLY B 177 17.35 12.47 -32.33
N SER B 178 18.66 12.30 -32.43
CA SER B 178 19.25 11.38 -33.37
C SER B 178 20.04 10.30 -32.64
N ALA B 179 20.11 9.13 -33.27
CA ALA B 179 21.10 8.15 -32.85
C ALA B 179 22.49 8.65 -33.22
N PHE B 180 23.51 8.00 -32.68
CA PHE B 180 24.87 8.48 -32.88
C PHE B 180 25.45 8.08 -34.24
N ASP B 181 24.61 7.61 -35.16
CA ASP B 181 24.98 7.48 -36.56
C ASP B 181 24.51 8.66 -37.39
N GLY B 182 23.87 9.65 -36.76
CA GLY B 182 23.30 10.78 -37.47
C GLY B 182 21.84 10.62 -37.82
N THR B 183 21.29 9.42 -37.70
CA THR B 183 19.89 9.17 -38.05
C THR B 183 18.99 9.72 -36.96
N MET B 184 18.12 10.66 -37.32
CA MET B 184 17.16 11.21 -36.37
C MET B 184 16.00 10.24 -36.18
N TYR B 185 15.64 10.01 -34.92
CA TYR B 185 14.51 9.13 -34.62
C TYR B 185 13.23 9.70 -35.22
N GLY B 186 12.55 8.90 -36.03
CA GLY B 186 11.32 9.33 -36.66
C GLY B 186 11.48 10.12 -37.93
N ALA B 187 12.69 10.19 -38.49
CA ALA B 187 12.97 10.88 -39.74
C ALA B 187 12.65 12.38 -39.69
N PHE B 188 12.51 12.93 -38.49
CA PHE B 188 12.28 14.36 -38.36
C PHE B 188 13.53 15.13 -38.76
N MET B 189 13.33 16.26 -39.42
CA MET B 189 14.44 17.09 -39.88
C MET B 189 14.77 18.16 -38.85
N ASP B 190 16.02 18.60 -38.85
CA ASP B 190 16.48 19.61 -37.90
C ASP B 190 16.27 21.01 -38.49
N LYS B 191 15.00 21.39 -38.58
CA LYS B 191 14.59 22.71 -39.04
C LYS B 191 13.44 23.19 -38.19
N GLN B 192 13.45 24.48 -37.83
CA GLN B 192 12.44 25.07 -36.96
C GLN B 192 11.16 25.33 -37.76
N VAL B 193 10.55 24.22 -38.21
CA VAL B 193 9.26 24.25 -38.89
C VAL B 193 8.35 23.24 -38.20
N HIS B 194 7.04 23.44 -38.40
CA HIS B 194 6.08 22.50 -37.84
C HIS B 194 6.11 21.19 -38.61
N GLN B 195 6.20 20.08 -37.89
CA GLN B 195 6.30 18.76 -38.49
C GLN B 195 5.24 17.85 -37.86
N VAL B 196 4.41 17.25 -38.72
CA VAL B 196 3.36 16.37 -38.23
C VAL B 196 3.96 15.11 -37.64
N GLN B 197 3.53 14.75 -36.44
CA GLN B 197 3.99 13.54 -35.77
C GLN B 197 2.95 12.44 -35.94
N LEU B 198 3.43 11.21 -36.06
CA LEU B 198 2.53 10.07 -36.15
C LEU B 198 1.80 9.85 -34.83
N THR B 199 0.65 9.19 -34.91
CA THR B 199 -0.16 8.95 -33.72
C THR B 199 0.58 8.02 -32.76
N ASP B 200 0.63 8.42 -31.49
CA ASP B 200 1.32 7.63 -30.47
C ASP B 200 0.53 6.35 -30.17
N LYS B 201 1.19 5.44 -29.47
CA LYS B 201 0.57 4.19 -29.05
C LYS B 201 1.02 3.84 -27.64
N TYR B 202 0.26 2.94 -27.00
CA TYR B 202 0.65 2.41 -25.70
C TYR B 202 1.64 1.27 -25.91
N CYS B 203 2.74 1.29 -25.15
CA CYS B 203 3.73 0.23 -25.20
C CYS B 203 3.20 -0.95 -24.41
N SER B 204 2.60 -1.92 -25.13
CA SER B 204 1.87 -3.00 -24.48
C SER B 204 2.75 -3.79 -23.52
N VAL B 205 3.99 -4.05 -23.90
CA VAL B 205 4.87 -4.85 -23.05
C VAL B 205 5.22 -4.09 -21.78
N ASN B 206 5.29 -2.76 -21.84
CA ASN B 206 5.62 -1.98 -20.65
C ASN B 206 4.43 -1.87 -19.70
N VAL B 207 3.22 -1.75 -20.24
CA VAL B 207 2.03 -1.76 -19.40
C VAL B 207 1.92 -3.07 -18.64
N VAL B 208 2.29 -4.18 -19.29
CA VAL B 208 2.29 -5.48 -18.62
C VAL B 208 3.31 -5.47 -17.48
N ALA B 209 4.50 -4.92 -17.74
CA ALA B 209 5.51 -4.82 -16.70
C ALA B 209 5.04 -3.91 -15.56
N TRP B 210 4.29 -2.86 -15.90
CA TRP B 210 3.76 -1.97 -14.88
C TRP B 210 2.67 -2.65 -14.06
N LEU B 211 1.82 -3.45 -14.71
CA LEU B 211 0.83 -4.22 -13.98
C LEU B 211 1.49 -5.30 -13.12
N TYR B 212 2.55 -5.92 -13.64
CA TYR B 212 3.30 -6.88 -12.85
C TYR B 212 3.97 -6.19 -11.65
N ALA B 213 4.45 -4.96 -11.84
CA ALA B 213 5.04 -4.23 -10.74
C ALA B 213 3.99 -3.90 -9.68
N ALA B 214 2.77 -3.62 -10.11
CA ALA B 214 1.69 -3.32 -9.16
C ALA B 214 1.34 -4.54 -8.32
N ILE B 215 1.29 -5.73 -8.94
CA ILE B 215 1.00 -6.95 -8.20
C ILE B 215 2.08 -7.19 -7.15
N LEU B 216 3.35 -7.03 -7.53
CA LEU B 216 4.45 -7.19 -6.60
C LEU B 216 4.48 -6.13 -5.51
N ASN B 217 3.66 -5.09 -5.62
CA ASN B 217 3.62 -4.01 -4.63
C ASN B 217 2.25 -3.93 -3.95
N GLY B 218 1.52 -5.03 -3.92
CA GLY B 218 0.26 -5.08 -3.20
C GLY B 218 -0.92 -4.48 -3.93
N CYS B 219 -0.88 -4.41 -5.25
CA CYS B 219 -1.99 -3.88 -6.05
C CYS B 219 -2.29 -4.88 -7.16
N ALA B 220 -3.30 -5.73 -6.96
CA ALA B 220 -3.65 -6.73 -7.95
C ALA B 220 -5.17 -6.90 -8.06
N TRP B 221 -5.93 -5.82 -7.82
CA TRP B 221 -7.37 -5.90 -7.94
C TRP B 221 -7.80 -6.09 -9.38
N PHE B 222 -6.98 -5.65 -10.34
CA PHE B 222 -7.30 -5.80 -11.75
C PHE B 222 -7.16 -7.23 -12.24
N VAL B 223 -6.46 -8.08 -11.49
CA VAL B 223 -6.20 -9.44 -11.94
C VAL B 223 -7.49 -10.25 -11.91
N LYS B 224 -7.78 -10.91 -13.02
CA LYS B 224 -8.97 -11.73 -13.23
C LYS B 224 -8.54 -13.06 -13.81
N PRO B 225 -9.39 -14.09 -13.75
CA PRO B 225 -9.01 -15.38 -14.33
C PRO B 225 -9.17 -15.45 -15.85
N ASN B 226 -9.86 -14.49 -16.46
CA ASN B 226 -9.95 -14.45 -17.91
C ASN B 226 -8.58 -14.21 -18.54
N ARG B 227 -8.39 -14.75 -19.73
CA ARG B 227 -7.15 -14.60 -20.47
C ARG B 227 -7.45 -14.21 -21.91
N THR B 228 -6.66 -13.27 -22.43
CA THR B 228 -6.68 -12.92 -23.84
C THR B 228 -5.36 -13.37 -24.44
N SER B 229 -5.42 -14.20 -25.48
N SER B 229 -5.42 -14.20 -25.48
CA SER B 229 -4.22 -14.74 -26.08
CA SER B 229 -4.22 -14.74 -26.08
C SER B 229 -3.37 -13.62 -26.68
C SER B 229 -3.37 -13.63 -26.69
N VAL B 230 -2.08 -13.92 -26.86
CA VAL B 230 -1.16 -12.94 -27.44
C VAL B 230 -1.57 -12.62 -28.87
N VAL B 231 -2.05 -13.62 -29.61
CA VAL B 231 -2.52 -13.36 -30.97
C VAL B 231 -3.82 -12.56 -30.93
N SER B 232 -4.73 -12.90 -30.02
N SER B 232 -4.73 -12.90 -30.02
CA SER B 232 -5.99 -12.18 -29.93
CA SER B 232 -5.99 -12.18 -29.92
C SER B 232 -5.79 -10.74 -29.45
C SER B 232 -5.78 -10.75 -29.45
N PHE B 233 -4.82 -10.54 -28.55
CA PHE B 233 -4.55 -9.19 -28.07
C PHE B 233 -3.89 -8.34 -29.13
N ASN B 234 -2.99 -8.92 -29.91
CA ASN B 234 -2.26 -8.14 -30.91
C ASN B 234 -3.19 -7.69 -32.03
N GLU B 235 -4.15 -8.54 -32.42
CA GLU B 235 -5.15 -8.11 -33.39
C GLU B 235 -6.01 -6.99 -32.83
N TRP B 236 -6.42 -7.12 -31.56
CA TRP B 236 -7.13 -6.04 -30.89
C TRP B 236 -6.25 -4.80 -30.75
N ALA B 237 -4.94 -4.99 -30.58
CA ALA B 237 -4.05 -3.86 -30.39
C ALA B 237 -3.92 -3.01 -31.65
N LEU B 238 -4.03 -3.64 -32.83
CA LEU B 238 -3.85 -2.92 -34.08
C LEU B 238 -4.92 -1.86 -34.33
N ALA B 239 -6.08 -1.99 -33.68
CA ALA B 239 -7.19 -1.06 -33.89
C ALA B 239 -7.50 -0.22 -32.65
N ASN B 240 -6.62 -0.23 -31.64
CA ASN B 240 -6.87 0.52 -30.42
C ASN B 240 -5.64 1.27 -29.95
N GLN B 241 -4.76 1.65 -30.88
CA GLN B 241 -3.58 2.46 -30.58
C GLN B 241 -2.67 1.79 -29.56
N PHE B 242 -2.49 0.47 -29.70
CA PHE B 242 -1.62 -0.30 -28.84
C PHE B 242 -0.56 -0.99 -29.67
N THR B 243 0.67 -1.04 -29.16
CA THR B 243 1.73 -1.74 -29.85
C THR B 243 1.55 -3.24 -29.71
N GLU B 244 2.14 -3.97 -30.66
CA GLU B 244 2.11 -5.43 -30.58
C GLU B 244 2.89 -5.91 -29.37
N PHE B 245 2.31 -6.84 -28.62
CA PHE B 245 2.98 -7.40 -27.47
C PHE B 245 3.94 -8.50 -27.91
N VAL B 246 5.19 -8.42 -27.45
CA VAL B 246 6.21 -9.42 -27.74
C VAL B 246 6.82 -9.82 -26.40
N GLY B 247 6.51 -11.03 -25.94
CA GLY B 247 7.02 -11.49 -24.67
C GLY B 247 8.54 -11.68 -24.71
N THR B 248 9.17 -11.41 -23.57
CA THR B 248 10.60 -11.60 -23.40
C THR B 248 10.85 -12.40 -22.13
N GLN B 249 12.11 -12.80 -21.94
CA GLN B 249 12.49 -13.47 -20.71
C GLN B 249 12.28 -12.59 -19.49
N SER B 250 12.44 -11.28 -19.65
CA SER B 250 12.21 -10.36 -18.53
C SER B 250 10.76 -10.39 -18.08
N VAL B 251 9.82 -10.41 -19.03
CA VAL B 251 8.41 -10.50 -18.68
C VAL B 251 8.11 -11.86 -18.06
N ASP B 252 8.77 -12.91 -18.54
CA ASP B 252 8.51 -14.25 -18.02
C ASP B 252 8.93 -14.37 -16.56
N MET B 253 10.04 -13.73 -16.19
CA MET B 253 10.48 -13.75 -14.79
C MET B 253 9.42 -13.14 -13.88
N LEU B 254 8.75 -12.08 -14.35
CA LEU B 254 7.68 -11.48 -13.56
C LEU B 254 6.48 -12.41 -13.47
N ALA B 255 6.17 -13.11 -14.56
CA ALA B 255 5.05 -14.06 -14.55
C ALA B 255 5.30 -15.20 -13.57
N VAL B 256 6.54 -15.69 -13.51
CA VAL B 256 6.87 -16.79 -12.60
C VAL B 256 6.80 -16.32 -11.15
N LYS B 257 7.28 -15.11 -10.88
CA LYS B 257 7.30 -14.62 -9.50
C LYS B 257 5.91 -14.34 -8.99
N THR B 258 5.12 -13.55 -9.73
CA THR B 258 3.78 -13.20 -9.29
C THR B 258 2.79 -14.35 -9.45
N GLY B 259 3.10 -15.32 -10.30
CA GLY B 259 2.14 -16.38 -10.57
C GLY B 259 0.97 -15.96 -11.43
N VAL B 260 1.01 -14.76 -12.01
CA VAL B 260 -0.04 -14.27 -12.89
C VAL B 260 0.43 -14.39 -14.33
N ALA B 261 -0.44 -14.89 -15.19
CA ALA B 261 -0.08 -15.14 -16.57
C ALA B 261 -0.09 -13.84 -17.38
N ILE B 262 0.74 -13.82 -18.44
CA ILE B 262 0.77 -12.69 -19.35
C ILE B 262 -0.61 -12.45 -19.94
N GLU B 263 -1.29 -13.53 -20.34
CA GLU B 263 -2.62 -13.40 -20.92
C GLU B 263 -3.65 -12.88 -19.94
N GLN B 264 -3.39 -13.02 -18.63
CA GLN B 264 -4.27 -12.40 -17.64
C GLN B 264 -4.14 -10.89 -17.67
N LEU B 265 -2.90 -10.38 -17.74
CA LEU B 265 -2.68 -8.94 -17.82
C LEU B 265 -3.09 -8.38 -19.16
N LEU B 266 -2.96 -9.18 -20.24
CA LEU B 266 -3.40 -8.72 -21.55
C LEU B 266 -4.90 -8.53 -21.58
N TYR B 267 -5.66 -9.39 -20.88
CA TYR B 267 -7.10 -9.19 -20.78
C TYR B 267 -7.42 -7.99 -19.90
N ALA B 268 -6.69 -7.83 -18.79
CA ALA B 268 -6.93 -6.70 -17.90
C ALA B 268 -6.66 -5.38 -18.61
N ILE B 269 -5.63 -5.35 -19.46
CA ILE B 269 -5.33 -4.14 -20.23
C ILE B 269 -6.53 -3.76 -21.10
N GLN B 270 -7.20 -4.76 -21.68
CA GLN B 270 -8.38 -4.48 -22.50
C GLN B 270 -9.50 -3.86 -21.67
N GLN B 271 -9.64 -4.30 -20.41
CA GLN B 271 -10.68 -3.74 -19.55
C GLN B 271 -10.28 -2.37 -19.01
N LEU B 272 -9.04 -2.22 -18.56
CA LEU B 272 -8.58 -0.94 -18.02
C LEU B 272 -8.47 0.13 -19.10
N TYR B 273 -8.44 -0.26 -20.38
CA TYR B 273 -8.24 0.72 -21.45
C TYR B 273 -9.39 1.72 -21.51
N THR B 274 -10.63 1.26 -21.27
CA THR B 274 -11.81 2.11 -21.32
C THR B 274 -12.05 2.87 -20.01
N GLY B 275 -11.00 3.17 -19.27
CA GLY B 275 -11.14 3.91 -18.03
C GLY B 275 -11.02 3.03 -16.80
N PHE B 276 -10.51 3.61 -15.72
CA PHE B 276 -10.34 2.88 -14.47
C PHE B 276 -11.54 2.99 -13.55
N GLN B 277 -12.47 3.90 -13.85
CA GLN B 277 -13.72 4.06 -13.08
C GLN B 277 -13.44 4.36 -11.61
N GLY B 278 -12.59 5.37 -11.37
CA GLY B 278 -12.34 5.82 -10.02
C GLY B 278 -11.22 5.07 -9.32
N LYS B 279 -11.03 3.80 -9.68
CA LYS B 279 -9.96 3.01 -9.08
C LYS B 279 -8.61 3.48 -9.62
N GLN B 280 -7.56 3.16 -8.85
CA GLN B 280 -6.21 3.58 -9.21
C GLN B 280 -5.24 2.41 -9.02
N ILE B 281 -4.22 2.38 -9.86
CA ILE B 281 -3.18 1.34 -9.82
C ILE B 281 -1.85 2.02 -9.55
N LEU B 282 -1.21 1.66 -8.43
CA LEU B 282 0.11 2.18 -8.07
C LEU B 282 0.10 3.71 -8.01
N GLY B 283 -1.01 4.28 -7.57
CA GLY B 283 -1.12 5.73 -7.48
C GLY B 283 -1.42 6.42 -8.79
N SER B 284 -1.96 5.70 -9.77
N SER B 284 -1.96 5.70 -9.77
CA SER B 284 -2.28 6.29 -11.07
CA SER B 284 -2.28 6.29 -11.07
C SER B 284 -3.63 5.75 -11.54
C SER B 284 -3.62 5.75 -11.56
N THR B 285 -4.44 6.64 -12.11
CA THR B 285 -5.72 6.27 -12.70
C THR B 285 -5.64 6.19 -14.22
N MET B 286 -4.45 5.95 -14.76
CA MET B 286 -4.23 5.80 -16.19
C MET B 286 -3.14 4.76 -16.42
N LEU B 287 -3.09 4.23 -17.63
CA LEU B 287 -2.09 3.22 -17.97
C LEU B 287 -0.71 3.86 -18.06
N GLU B 288 0.29 3.15 -17.55
CA GLU B 288 1.67 3.62 -17.54
C GLU B 288 2.53 2.68 -18.37
N ASP B 289 3.13 3.21 -19.44
CA ASP B 289 3.92 2.41 -20.36
C ASP B 289 5.38 2.87 -20.43
N GLU B 290 5.85 3.56 -19.40
CA GLU B 290 7.24 4.03 -19.36
C GLU B 290 8.11 3.21 -18.43
N PHE B 291 7.58 2.15 -17.82
CA PHE B 291 8.35 1.24 -16.98
C PHE B 291 8.55 -0.06 -17.76
N THR B 292 9.78 -0.33 -18.16
CA THR B 292 10.10 -1.50 -18.95
C THR B 292 10.18 -2.74 -18.07
N PRO B 293 10.07 -3.94 -18.66
CA PRO B 293 10.23 -5.15 -17.86
C PRO B 293 11.58 -5.25 -17.18
N GLU B 294 12.64 -4.80 -17.84
CA GLU B 294 13.97 -4.80 -17.22
C GLU B 294 14.04 -3.80 -16.06
N ASP B 295 13.34 -2.67 -16.20
CA ASP B 295 13.32 -1.69 -15.11
C ASP B 295 12.57 -2.23 -13.90
N VAL B 296 11.40 -2.83 -14.12
CA VAL B 296 10.65 -3.42 -13.02
C VAL B 296 11.43 -4.56 -12.38
N ASN B 297 12.11 -5.37 -13.17
CA ASN B 297 12.88 -6.47 -12.61
C ASN B 297 13.98 -6.01 -11.69
N MET B 298 14.73 -5.02 -12.13
CA MET B 298 15.84 -4.52 -11.36
C MET B 298 15.41 -3.79 -10.08
N GLN B 299 14.31 -3.09 -10.15
CA GLN B 299 13.79 -2.34 -9.03
C GLN B 299 13.12 -3.18 -7.96
N ILE B 300 12.38 -4.20 -8.35
CA ILE B 300 11.68 -5.01 -7.36
C ILE B 300 12.50 -6.19 -6.88
N MET B 301 13.28 -6.81 -7.77
CA MET B 301 14.05 -8.00 -7.42
C MET B 301 15.55 -7.85 -7.60
N GLY B 302 16.04 -6.67 -7.97
CA GLY B 302 17.47 -6.46 -8.06
C GLY B 302 18.17 -7.26 -9.14
N VAL B 303 17.47 -7.57 -10.22
CA VAL B 303 18.08 -8.32 -11.32
C VAL B 303 18.10 -7.46 -12.58
N SER C 1 -26.58 -23.24 8.33
CA SER C 1 -25.88 -23.81 9.49
C SER C 1 -24.43 -23.37 9.52
N GLY C 2 -23.72 -23.74 10.57
CA GLY C 2 -22.34 -23.36 10.75
C GLY C 2 -22.20 -22.29 11.83
N LEU C 3 -21.09 -22.38 12.56
CA LEU C 3 -20.77 -21.43 13.61
C LEU C 3 -19.42 -20.78 13.29
N VAL C 4 -19.42 -19.45 13.16
CA VAL C 4 -18.21 -18.68 12.90
C VAL C 4 -18.18 -17.50 13.87
N LYS C 5 -17.01 -16.88 13.96
CA LYS C 5 -16.85 -15.67 14.74
C LYS C 5 -17.44 -14.51 13.95
N MET C 6 -18.62 -14.05 14.35
CA MET C 6 -19.37 -13.05 13.62
C MET C 6 -19.41 -11.74 14.39
N SER C 7 -19.31 -10.64 13.66
CA SER C 7 -19.39 -9.30 14.23
C SER C 7 -20.61 -8.59 13.66
N HIS C 8 -21.03 -7.54 14.36
CA HIS C 8 -22.10 -6.70 13.85
C HIS C 8 -21.61 -5.90 12.64
N PRO C 9 -22.52 -5.52 11.75
CA PRO C 9 -22.14 -4.56 10.70
C PRO C 9 -21.63 -3.27 11.33
N SER C 10 -20.51 -2.76 10.83
CA SER C 10 -19.81 -1.63 11.41
C SER C 10 -20.17 -0.31 10.75
N GLY C 11 -21.14 -0.30 9.84
CA GLY C 11 -21.41 0.90 9.07
C GLY C 11 -21.78 2.10 9.92
N ASP C 12 -22.71 1.91 10.87
CA ASP C 12 -23.16 3.02 11.69
C ASP C 12 -22.09 3.49 12.65
N VAL C 13 -21.16 2.61 13.03
CA VAL C 13 -20.08 3.03 13.93
C VAL C 13 -18.98 3.75 13.16
N GLU C 14 -18.71 3.34 11.92
CA GLU C 14 -17.69 3.99 11.12
C GLU C 14 -17.94 5.48 10.96
N ALA C 15 -19.22 5.88 10.91
CA ALA C 15 -19.57 7.28 10.69
C ALA C 15 -19.31 8.16 11.90
N CYS C 16 -18.95 7.58 13.04
CA CYS C 16 -18.67 8.34 14.25
C CYS C 16 -17.19 8.33 14.61
N MET C 17 -16.36 7.66 13.83
CA MET C 17 -14.93 7.62 14.10
C MET C 17 -14.27 8.91 13.64
N VAL C 18 -13.39 9.46 14.48
CA VAL C 18 -12.64 10.67 14.15
C VAL C 18 -11.22 10.50 14.67
N GLN C 19 -10.34 11.38 14.20
CA GLN C 19 -8.97 11.46 14.67
C GLN C 19 -8.83 12.64 15.62
N VAL C 20 -8.29 12.38 16.80
CA VAL C 20 -8.04 13.42 17.81
C VAL C 20 -6.53 13.54 17.98
N THR C 21 -6.02 14.74 17.73
CA THR C 21 -4.59 15.03 17.86
C THR C 21 -4.40 16.08 18.95
N CYS C 22 -3.36 15.88 19.76
CA CYS C 22 -3.02 16.82 20.83
C CYS C 22 -1.50 16.86 20.94
N GLY C 23 -0.90 17.95 20.47
CA GLY C 23 0.55 18.06 20.44
C GLY C 23 1.15 17.12 19.41
N SER C 24 2.03 16.23 19.85
CA SER C 24 2.61 15.21 18.99
C SER C 24 1.92 13.85 19.14
N MET C 25 0.86 13.78 19.93
CA MET C 25 0.12 12.53 20.13
C MET C 25 -1.19 12.58 19.34
N THR C 26 -1.56 11.43 18.79
N THR C 26 -1.56 11.43 18.79
CA THR C 26 -2.80 11.31 18.03
CA THR C 26 -2.80 11.30 18.04
C THR C 26 -3.39 9.92 18.27
C THR C 26 -3.39 9.92 18.27
N LEU C 27 -4.71 9.83 18.15
CA LEU C 27 -5.43 8.58 18.30
C LEU C 27 -6.82 8.75 17.70
N ASN C 28 -7.71 7.80 18.01
CA ASN C 28 -9.06 7.79 17.48
C ASN C 28 -10.05 8.34 18.51
N GLY C 29 -11.19 8.80 18.01
CA GLY C 29 -12.24 9.31 18.86
C GLY C 29 -13.60 8.94 18.33
N LEU C 30 -14.58 8.94 19.23
CA LEU C 30 -15.97 8.61 18.90
C LEU C 30 -16.78 9.91 18.96
N TRP C 31 -17.30 10.33 17.80
CA TRP C 31 -18.03 11.58 17.65
C TRP C 31 -19.52 11.28 17.72
N LEU C 32 -20.16 11.66 18.82
CA LEU C 32 -21.60 11.48 19.01
C LEU C 32 -22.20 12.82 19.40
N ASP C 33 -23.20 13.26 18.64
CA ASP C 33 -23.80 14.58 18.81
C ASP C 33 -22.73 15.65 18.80
N ASN C 34 -22.66 16.47 19.86
CA ASN C 34 -21.67 17.52 19.98
C ASN C 34 -20.50 17.11 20.88
N THR C 35 -20.30 15.82 21.09
CA THR C 35 -19.29 15.30 21.99
C THR C 35 -18.37 14.33 21.25
N VAL C 36 -17.08 14.40 21.54
CA VAL C 36 -16.08 13.48 21.00
C VAL C 36 -15.37 12.83 22.18
N TRP C 37 -15.47 11.50 22.27
CA TRP C 37 -14.79 10.73 23.32
C TRP C 37 -13.48 10.18 22.80
N CYS C 38 -12.44 10.24 23.62
CA CYS C 38 -11.14 9.70 23.26
C CYS C 38 -10.35 9.44 24.54
N PRO C 39 -9.38 8.52 24.50
CA PRO C 39 -8.57 8.28 25.69
C PRO C 39 -7.82 9.54 26.12
N ARG C 40 -7.73 9.72 27.44
CA ARG C 40 -7.11 10.91 27.99
C ARG C 40 -5.59 10.91 27.91
N HIS C 41 -4.97 9.77 27.57
CA HIS C 41 -3.52 9.73 27.44
C HIS C 41 -3.03 10.36 26.14
N VAL C 42 -3.95 10.82 25.28
CA VAL C 42 -3.54 11.66 24.15
C VAL C 42 -2.97 12.98 24.64
N MET C 43 -3.31 13.39 25.87
CA MET C 43 -2.77 14.61 26.45
C MET C 43 -1.31 14.45 26.85
N CYS C 44 -0.85 13.24 27.10
CA CYS C 44 0.46 13.00 27.69
C CYS C 44 1.50 12.79 26.60
N PRO C 45 2.63 13.49 26.65
CA PRO C 45 3.73 13.18 25.72
C PRO C 45 4.29 11.80 25.98
N ALA C 46 4.95 11.26 24.95
CA ALA C 46 5.51 9.92 25.06
C ALA C 46 6.61 9.82 26.10
N ASP C 47 7.25 10.94 26.44
CA ASP C 47 8.31 10.91 27.45
C ASP C 47 7.74 10.68 28.84
N GLN C 48 6.60 11.29 29.15
CA GLN C 48 6.00 11.22 30.47
C GLN C 48 4.91 10.16 30.57
N LEU C 49 4.82 9.25 29.59
CA LEU C 49 3.76 8.24 29.62
C LEU C 49 3.90 7.29 30.81
N SER C 50 5.13 7.03 31.25
CA SER C 50 5.35 6.13 32.37
C SER C 50 4.90 6.74 33.70
N ASP C 51 4.83 8.07 33.79
CA ASP C 51 4.38 8.75 35.00
C ASP C 51 3.62 10.01 34.62
N PRO C 52 2.36 9.87 34.21
CA PRO C 52 1.58 11.05 33.80
C PRO C 52 0.77 11.64 34.94
N ASN C 53 0.66 12.97 34.92
CA ASN C 53 -0.17 13.73 35.85
C ASN C 53 -1.34 14.30 35.04
N TYR C 54 -2.37 13.47 34.85
CA TYR C 54 -3.49 13.85 34.00
C TYR C 54 -4.22 15.08 34.54
N ASP C 55 -4.23 15.26 35.86
CA ASP C 55 -4.85 16.45 36.43
C ASP C 55 -4.05 17.70 36.05
N ALA C 56 -2.73 17.64 36.19
CA ALA C 56 -1.90 18.76 35.78
C ALA C 56 -1.92 18.94 34.26
N LEU C 57 -2.02 17.85 33.51
CA LEU C 57 -2.07 17.95 32.06
C LEU C 57 -3.31 18.70 31.60
N LEU C 58 -4.45 18.42 32.21
CA LEU C 58 -5.70 19.03 31.76
C LEU C 58 -5.69 20.55 31.96
N ILE C 59 -5.14 21.02 33.08
CA ILE C 59 -5.08 22.46 33.31
C ILE C 59 -4.24 23.15 32.25
N SER C 60 -3.17 22.49 31.79
CA SER C 60 -2.32 23.07 30.76
C SER C 60 -2.98 23.08 29.39
N MET C 61 -4.13 22.45 29.23
CA MET C 61 -4.79 22.35 27.94
C MET C 61 -5.84 23.45 27.79
N THR C 62 -5.96 23.95 26.56
CA THR C 62 -7.05 24.82 26.15
C THR C 62 -7.84 24.10 25.06
N ASN C 63 -8.89 24.77 24.57
CA ASN C 63 -9.66 24.19 23.47
C ASN C 63 -8.86 24.15 22.17
N HIS C 64 -7.79 24.94 22.06
CA HIS C 64 -6.98 24.98 20.85
C HIS C 64 -5.92 23.88 20.81
N SER C 65 -5.69 23.18 21.91
CA SER C 65 -4.68 22.13 21.95
C SER C 65 -5.20 20.80 21.42
N PHE C 66 -6.45 20.73 20.99
CA PHE C 66 -7.06 19.52 20.47
C PHE C 66 -7.46 19.73 19.01
N SER C 67 -7.00 18.84 18.13
CA SER C 67 -7.34 18.86 16.72
C SER C 67 -8.14 17.61 16.39
N VAL C 68 -9.36 17.79 15.89
CA VAL C 68 -10.29 16.69 15.65
C VAL C 68 -10.75 16.77 14.19
N GLN C 69 -10.62 15.65 13.48
N GLN C 69 -10.62 15.65 13.48
CA GLN C 69 -11.01 15.59 12.07
CA GLN C 69 -11.00 15.58 12.07
C GLN C 69 -11.68 14.26 11.77
C GLN C 69 -11.71 14.27 11.80
N LYS C 70 -12.71 14.31 10.92
CA LYS C 70 -13.38 13.13 10.41
C LYS C 70 -12.93 12.92 8.99
N HIS C 71 -12.31 11.77 8.70
CA HIS C 71 -11.68 11.53 7.42
C HIS C 71 -12.56 10.77 6.44
N ILE C 72 -13.34 9.81 6.90
CA ILE C 72 -14.16 9.00 6.01
C ILE C 72 -15.55 9.61 5.89
N GLY C 73 -16.28 9.20 4.86
CA GLY C 73 -17.59 9.76 4.64
C GLY C 73 -17.49 11.22 4.23
N ALA C 74 -18.31 12.07 4.86
CA ALA C 74 -18.25 13.50 4.62
C ALA C 74 -17.17 14.10 5.52
N PRO C 75 -16.02 14.49 4.97
CA PRO C 75 -14.92 14.95 5.82
C PRO C 75 -15.22 16.31 6.43
N ALA C 76 -14.68 16.52 7.63
CA ALA C 76 -14.92 17.76 8.36
C ALA C 76 -13.82 17.96 9.40
N ASN C 77 -13.58 19.21 9.74
CA ASN C 77 -12.65 19.59 10.81
C ASN C 77 -13.49 20.18 11.94
N LEU C 78 -13.54 19.47 13.07
CA LEU C 78 -14.36 19.88 14.20
C LEU C 78 -13.57 20.81 15.12
N ARG C 79 -14.23 21.88 15.55
CA ARG C 79 -13.62 22.86 16.44
C ARG C 79 -14.03 22.53 17.88
N VAL C 80 -13.04 22.27 18.72
CA VAL C 80 -13.30 21.98 20.13
C VAL C 80 -13.68 23.29 20.83
N VAL C 81 -14.90 23.34 21.35
CA VAL C 81 -15.39 24.50 22.09
C VAL C 81 -15.54 24.19 23.57
N GLY C 82 -14.87 23.14 24.04
CA GLY C 82 -14.95 22.74 25.43
C GLY C 82 -14.35 21.37 25.65
N HIS C 83 -13.65 21.18 26.77
CA HIS C 83 -13.02 19.92 27.08
C HIS C 83 -13.17 19.63 28.57
N ALA C 84 -13.27 18.34 28.90
CA ALA C 84 -13.41 17.90 30.28
C ALA C 84 -12.93 16.47 30.39
N MET C 85 -12.41 16.13 31.56
CA MET C 85 -11.91 14.79 31.84
C MET C 85 -12.97 13.98 32.54
N GLN C 86 -13.23 12.77 32.04
CA GLN C 86 -14.21 11.84 32.61
C GLN C 86 -13.51 10.50 32.80
N GLY C 87 -12.98 10.27 34.00
CA GLY C 87 -12.27 9.04 34.26
C GLY C 87 -11.04 8.93 33.40
N THR C 88 -10.90 7.80 32.71
CA THR C 88 -9.77 7.58 31.81
C THR C 88 -10.01 8.13 30.42
N LEU C 89 -11.15 8.77 30.18
CA LEU C 89 -11.50 9.29 28.86
C LEU C 89 -11.50 10.81 28.87
N LEU C 90 -11.51 11.38 27.68
CA LEU C 90 -11.62 12.81 27.47
C LEU C 90 -12.97 13.11 26.83
N LYS C 91 -13.65 14.13 27.35
CA LYS C 91 -14.96 14.54 26.85
C LYS C 91 -14.80 15.88 26.15
N LEU C 92 -14.56 15.84 24.85
CA LEU C 92 -14.42 17.05 24.05
C LEU C 92 -15.76 17.47 23.48
N THR C 93 -16.04 18.78 23.56
CA THR C 93 -17.26 19.35 23.01
C THR C 93 -16.92 20.07 21.71
N VAL C 94 -17.56 19.66 20.63
CA VAL C 94 -17.34 20.25 19.32
C VAL C 94 -18.54 21.10 18.94
N ASP C 95 -18.31 22.07 18.05
CA ASP C 95 -19.36 23.00 17.67
C ASP C 95 -20.37 22.38 16.70
N VAL C 96 -20.01 21.30 16.01
CA VAL C 96 -20.87 20.66 15.03
C VAL C 96 -21.40 19.36 15.63
N ALA C 97 -22.69 19.13 15.49
CA ALA C 97 -23.28 17.86 15.90
C ALA C 97 -23.15 16.85 14.77
N ASN C 98 -22.79 15.62 15.13
CA ASN C 98 -22.63 14.56 14.13
C ASN C 98 -23.97 14.23 13.51
N PRO C 99 -24.19 14.50 12.23
CA PRO C 99 -25.49 14.16 11.62
C PRO C 99 -25.72 12.67 11.50
N SER C 100 -24.65 11.87 11.49
CA SER C 100 -24.76 10.43 11.41
C SER C 100 -24.83 9.77 12.78
N THR C 101 -25.11 10.55 13.84
CA THR C 101 -25.27 10.00 15.18
C THR C 101 -26.41 8.98 15.19
N PRO C 102 -26.16 7.73 15.53
CA PRO C 102 -27.23 6.73 15.59
C PRO C 102 -27.90 6.74 16.95
N ALA C 103 -29.02 6.02 17.03
CA ALA C 103 -29.61 5.71 18.32
C ALA C 103 -28.62 4.86 19.10
N TYR C 104 -28.16 5.38 20.24
CA TYR C 104 -27.07 4.74 20.95
C TYR C 104 -27.30 4.79 22.45
N THR C 105 -26.66 3.86 23.15
CA THR C 105 -26.61 3.80 24.59
C THR C 105 -25.17 3.61 25.03
N PHE C 106 -24.93 3.70 26.34
CA PHE C 106 -23.64 3.42 26.95
C PHE C 106 -23.83 2.29 27.94
N THR C 107 -23.19 1.16 27.68
CA THR C 107 -23.33 -0.03 28.51
C THR C 107 -21.96 -0.46 29.04
N THR C 108 -22.00 -1.32 30.05
CA THR C 108 -20.81 -1.91 30.64
C THR C 108 -20.95 -3.43 30.57
N VAL C 109 -20.10 -4.07 29.79
CA VAL C 109 -20.19 -5.51 29.59
C VAL C 109 -19.63 -6.23 30.80
N LYS C 110 -20.30 -7.31 31.20
CA LYS C 110 -19.81 -8.20 32.25
C LYS C 110 -18.91 -9.26 31.65
N PRO C 111 -18.09 -9.93 32.47
CA PRO C 111 -17.28 -11.03 31.96
C PRO C 111 -18.15 -12.10 31.31
N GLY C 112 -17.64 -12.68 30.22
CA GLY C 112 -18.36 -13.63 29.43
C GLY C 112 -19.17 -13.04 28.28
N ALA C 113 -19.53 -11.76 28.37
CA ALA C 113 -20.29 -11.11 27.32
C ALA C 113 -19.39 -10.79 26.12
N ALA C 114 -19.97 -10.85 24.93
CA ALA C 114 -19.26 -10.59 23.69
C ALA C 114 -19.66 -9.24 23.11
N PHE C 115 -18.75 -8.64 22.36
CA PHE C 115 -19.04 -7.40 21.65
C PHE C 115 -18.09 -7.29 20.47
N SER C 116 -18.52 -6.51 19.48
CA SER C 116 -17.73 -6.28 18.29
C SER C 116 -16.79 -5.09 18.49
N VAL C 117 -15.62 -5.16 17.89
CA VAL C 117 -14.61 -4.10 17.97
C VAL C 117 -14.38 -3.56 16.56
N LEU C 118 -14.35 -2.24 16.44
CA LEU C 118 -13.98 -1.58 15.20
C LEU C 118 -12.56 -1.04 15.37
N ALA C 119 -11.58 -1.80 14.88
CA ALA C 119 -10.19 -1.36 14.94
C ALA C 119 -10.00 -0.14 14.06
N CYS C 120 -9.37 0.90 14.61
CA CYS C 120 -9.20 2.15 13.90
C CYS C 120 -7.79 2.68 14.11
N TYR C 121 -7.29 3.40 13.11
CA TYR C 121 -5.97 4.02 13.17
C TYR C 121 -6.04 5.36 12.47
N ASN C 122 -5.60 6.41 13.16
CA ASN C 122 -5.67 7.78 12.65
C ASN C 122 -7.10 8.15 12.25
N GLY C 123 -8.06 7.65 13.00
CA GLY C 123 -9.46 7.95 12.73
C GLY C 123 -10.05 7.25 11.53
N ARG C 124 -9.41 6.18 11.04
CA ARG C 124 -9.90 5.44 9.88
C ARG C 124 -10.13 3.99 10.26
N PRO C 125 -11.32 3.44 10.06
N PRO C 125 -11.32 3.44 10.06
CA PRO C 125 -11.55 2.02 10.38
CA PRO C 125 -11.55 2.02 10.38
C PRO C 125 -10.76 1.11 9.45
C PRO C 125 -10.75 1.12 9.45
N THR C 126 -10.05 0.16 10.05
CA THR C 126 -9.24 -0.80 9.31
C THR C 126 -9.80 -2.21 9.33
N GLY C 127 -10.22 -2.69 10.50
CA GLY C 127 -10.79 -4.02 10.59
C GLY C 127 -11.86 -4.08 11.67
N THR C 128 -12.52 -5.23 11.73
CA THR C 128 -13.53 -5.49 12.75
C THR C 128 -13.44 -6.94 13.18
N PHE C 129 -13.73 -7.18 14.45
CA PHE C 129 -13.69 -8.53 15.00
C PHE C 129 -14.51 -8.56 16.28
N THR C 130 -14.85 -9.76 16.71
CA THR C 130 -15.62 -9.99 17.94
C THR C 130 -14.70 -10.52 19.02
N VAL C 131 -14.86 -9.99 20.23
CA VAL C 131 -14.10 -10.43 21.40
C VAL C 131 -15.08 -10.73 22.53
N VAL C 132 -14.57 -11.37 23.57
CA VAL C 132 -15.32 -11.68 24.78
C VAL C 132 -14.58 -11.07 25.96
N MET C 133 -15.31 -10.33 26.79
CA MET C 133 -14.74 -9.73 28.00
C MET C 133 -14.33 -10.85 28.94
N ARG C 134 -13.02 -11.09 29.07
CA ARG C 134 -12.54 -12.19 29.88
C ARG C 134 -12.82 -11.94 31.36
N PRO C 135 -12.92 -13.01 32.16
CA PRO C 135 -13.17 -12.84 33.60
C PRO C 135 -12.12 -12.01 34.32
N ASN C 136 -10.91 -11.90 33.78
CA ASN C 136 -9.90 -11.01 34.33
C ASN C 136 -9.98 -9.60 33.76
N TYR C 137 -11.09 -9.28 33.08
CA TYR C 137 -11.36 -7.93 32.58
C TYR C 137 -10.31 -7.49 31.55
N THR C 138 -9.94 -8.42 30.68
CA THR C 138 -9.13 -8.14 29.51
C THR C 138 -9.85 -8.68 28.28
N ILE C 139 -9.29 -8.39 27.10
CA ILE C 139 -9.80 -8.93 25.85
C ILE C 139 -8.63 -9.42 25.02
N LYS C 140 -8.90 -10.44 24.20
CA LYS C 140 -7.89 -11.05 23.34
C LYS C 140 -8.13 -10.56 21.91
N GLY C 141 -7.67 -9.33 21.65
CA GLY C 141 -7.87 -8.68 20.38
C GLY C 141 -6.62 -8.63 19.53
N SER C 142 -6.70 -7.83 18.47
CA SER C 142 -5.59 -7.60 17.54
C SER C 142 -5.44 -6.10 17.39
N PHE C 143 -4.59 -5.50 18.23
CA PHE C 143 -4.40 -4.06 18.26
C PHE C 143 -2.93 -3.74 18.10
N LEU C 144 -2.63 -2.77 17.25
CA LEU C 144 -1.28 -2.23 17.10
C LEU C 144 -1.22 -0.86 17.74
N CYS C 145 -0.03 -0.26 17.71
N CYS C 145 -0.03 -0.26 17.71
CA CYS C 145 0.15 1.07 18.28
CA CYS C 145 0.15 1.07 18.28
C CYS C 145 -0.66 2.09 17.48
C CYS C 145 -0.63 2.10 17.49
N GLY C 146 -1.40 2.93 18.19
CA GLY C 146 -2.28 3.90 17.56
C GLY C 146 -3.73 3.48 17.47
N SER C 147 -4.08 2.29 17.95
CA SER C 147 -5.46 1.83 17.93
C SER C 147 -6.28 2.38 19.08
N ALA C 148 -5.66 3.06 20.04
CA ALA C 148 -6.39 3.64 21.16
C ALA C 148 -7.48 4.55 20.65
N GLY C 149 -8.67 4.44 21.25
CA GLY C 149 -9.85 5.09 20.75
C GLY C 149 -10.74 4.20 19.91
N SER C 150 -10.29 2.99 19.59
CA SER C 150 -11.15 2.02 18.92
C SER C 150 -12.35 1.70 19.80
N VAL C 151 -13.46 1.36 19.16
CA VAL C 151 -14.76 1.30 19.81
C VAL C 151 -15.24 -0.15 19.86
N GLY C 152 -15.69 -0.58 21.04
CA GLY C 152 -16.41 -1.84 21.20
C GLY C 152 -17.88 -1.54 21.40
N TYR C 153 -18.74 -2.38 20.80
N TYR C 153 -18.74 -2.38 20.80
CA TYR C 153 -20.16 -2.10 20.80
CA TYR C 153 -20.16 -2.10 20.80
C TYR C 153 -20.94 -3.37 20.54
C TYR C 153 -20.94 -3.37 20.54
N THR C 154 -22.21 -3.35 20.93
CA THR C 154 -23.19 -4.38 20.58
C THR C 154 -24.36 -3.68 19.91
N LYS C 155 -25.22 -4.46 19.27
CA LYS C 155 -26.36 -3.91 18.53
C LYS C 155 -27.65 -4.58 18.97
N GLU C 156 -28.65 -3.77 19.29
CA GLU C 156 -30.01 -4.22 19.58
C GLU C 156 -30.91 -3.56 18.54
N GLY C 157 -31.05 -4.20 17.39
CA GLY C 157 -31.79 -3.58 16.29
C GLY C 157 -30.95 -2.49 15.65
N SER C 158 -31.52 -1.30 15.56
CA SER C 158 -30.80 -0.13 15.07
C SER C 158 -30.12 0.66 16.20
N VAL C 159 -30.18 0.16 17.43
CA VAL C 159 -29.57 0.83 18.57
C VAL C 159 -28.18 0.24 18.79
N ILE C 160 -27.19 1.10 18.99
CA ILE C 160 -25.81 0.70 19.20
C ILE C 160 -25.47 0.92 20.66
N ASN C 161 -25.02 -0.14 21.33
CA ASN C 161 -24.65 -0.07 22.74
C ASN C 161 -23.13 0.01 22.83
N PHE C 162 -22.62 1.24 22.86
CA PHE C 162 -21.19 1.47 22.99
C PHE C 162 -20.74 1.04 24.39
N CYS C 163 -19.79 0.09 24.45
CA CYS C 163 -19.37 -0.46 25.72
C CYS C 163 -17.87 -0.48 25.94
N TYR C 164 -17.07 -0.08 24.95
CA TYR C 164 -15.63 -0.25 25.05
C TYR C 164 -14.91 0.76 24.19
N MET C 165 -13.97 1.48 24.80
CA MET C 165 -12.96 2.27 24.07
C MET C 165 -11.59 1.75 24.43
N HIS C 166 -10.85 1.30 23.41
CA HIS C 166 -9.55 0.68 23.65
C HIS C 166 -8.56 1.69 24.20
N GLN C 167 -7.71 1.23 25.12
CA GLN C 167 -6.80 2.12 25.82
C GLN C 167 -5.36 1.64 25.78
N MET C 168 -5.11 0.38 26.14
CA MET C 168 -3.74 -0.07 26.30
C MET C 168 -3.63 -1.56 26.00
N GLU C 169 -2.38 -1.99 25.79
CA GLU C 169 -2.02 -3.40 25.68
C GLU C 169 -1.24 -3.79 26.93
N LEU C 170 -1.72 -4.84 27.61
CA LEU C 170 -1.11 -5.24 28.88
C LEU C 170 -0.01 -6.27 28.68
N ALA C 171 -0.28 -7.31 27.89
CA ALA C 171 0.71 -8.36 27.64
C ALA C 171 0.58 -8.77 26.17
N ASN C 172 1.10 -9.94 25.84
CA ASN C 172 1.03 -10.44 24.48
C ASN C 172 -0.42 -10.78 24.13
N GLY C 173 -0.98 -10.09 23.14
CA GLY C 173 -2.35 -10.33 22.74
C GLY C 173 -3.37 -10.09 23.83
N THR C 174 -3.02 -9.33 24.87
CA THR C 174 -3.90 -9.05 25.99
C THR C 174 -4.12 -7.55 26.06
N HIS C 175 -5.39 -7.13 25.99
CA HIS C 175 -5.73 -5.73 25.93
C HIS C 175 -6.85 -5.42 26.93
N THR C 176 -7.00 -4.13 27.22
CA THR C 176 -8.09 -3.67 28.05
C THR C 176 -8.46 -2.25 27.63
N GLY C 177 -9.59 -1.79 28.15
CA GLY C 177 -10.05 -0.46 27.84
C GLY C 177 -11.04 -0.01 28.89
N SER C 178 -11.78 1.03 28.55
CA SER C 178 -12.72 1.65 29.49
C SER C 178 -14.10 1.70 28.88
N ALA C 179 -15.10 1.66 29.76
CA ALA C 179 -16.45 2.02 29.35
C ALA C 179 -16.52 3.51 29.08
N PHE C 180 -17.59 3.94 28.44
CA PHE C 180 -17.70 5.34 28.05
C PHE C 180 -18.07 6.26 29.20
N ASP C 181 -18.10 5.74 30.43
CA ASP C 181 -18.14 6.56 31.62
C ASP C 181 -16.76 6.82 32.20
N GLY C 182 -15.71 6.37 31.50
CA GLY C 182 -14.34 6.58 31.93
C GLY C 182 -13.76 5.49 32.81
N THR C 183 -14.55 4.50 33.20
CA THR C 183 -14.10 3.46 34.12
C THR C 183 -13.34 2.39 33.33
N MET C 184 -12.05 2.26 33.61
CA MET C 184 -11.24 1.22 32.99
C MET C 184 -11.73 -0.15 33.43
N TYR C 185 -11.83 -1.08 32.48
CA TYR C 185 -12.19 -2.45 32.81
C TYR C 185 -11.06 -3.09 33.61
N GLY C 186 -11.37 -3.55 34.82
CA GLY C 186 -10.38 -4.16 35.68
C GLY C 186 -9.55 -3.19 36.48
N ALA C 187 -9.93 -1.90 36.52
CA ALA C 187 -9.25 -0.86 37.28
C ALA C 187 -7.77 -0.71 36.89
N PHE C 188 -7.40 -1.17 35.69
CA PHE C 188 -6.06 -0.92 35.20
C PHE C 188 -5.84 0.57 34.97
N MET C 189 -4.59 1.00 35.08
CA MET C 189 -4.22 2.40 34.93
C MET C 189 -3.72 2.66 33.52
N ASP C 190 -4.19 3.75 32.91
CA ASP C 190 -3.64 4.18 31.64
C ASP C 190 -2.22 4.71 31.86
N LYS C 191 -1.32 3.80 32.23
CA LYS C 191 0.05 4.13 32.61
C LYS C 191 0.98 3.15 31.92
N GLN C 192 2.07 3.66 31.35
CA GLN C 192 3.04 2.82 30.65
C GLN C 192 3.96 2.12 31.66
N VAL C 193 3.33 1.29 32.50
CA VAL C 193 4.03 0.47 33.47
C VAL C 193 3.47 -0.95 33.39
N HIS C 194 4.22 -1.90 33.94
CA HIS C 194 3.76 -3.28 33.97
C HIS C 194 2.66 -3.43 35.01
N GLN C 195 1.54 -4.01 34.61
CA GLN C 195 0.38 -4.19 35.47
C GLN C 195 0.04 -5.67 35.57
N VAL C 196 -0.09 -6.16 36.79
CA VAL C 196 -0.40 -7.57 37.02
C VAL C 196 -1.88 -7.81 36.79
N GLN C 197 -2.21 -8.86 36.04
CA GLN C 197 -3.58 -9.26 35.80
C GLN C 197 -3.93 -10.48 36.65
N LEU C 198 -5.18 -10.53 37.11
CA LEU C 198 -5.64 -11.70 37.81
C LEU C 198 -5.72 -12.89 36.86
N THR C 199 -5.78 -14.09 37.44
CA THR C 199 -5.83 -15.30 36.63
C THR C 199 -7.12 -15.35 35.83
N ASP C 200 -6.99 -15.69 34.55
CA ASP C 200 -8.17 -15.83 33.69
C ASP C 200 -8.95 -17.08 34.07
N LYS C 201 -10.19 -17.14 33.60
CA LYS C 201 -11.08 -18.26 33.89
C LYS C 201 -11.89 -18.61 32.66
N TYR C 202 -12.31 -19.87 32.59
CA TYR C 202 -13.22 -20.31 31.54
C TYR C 202 -14.62 -19.76 31.82
N CYS C 203 -15.25 -19.20 30.80
CA CYS C 203 -16.64 -18.73 30.92
C CYS C 203 -17.56 -19.94 30.74
N SER C 204 -18.12 -20.41 31.84
CA SER C 204 -18.84 -21.70 31.83
C SER C 204 -20.04 -21.66 30.91
N VAL C 205 -20.87 -20.61 31.02
CA VAL C 205 -22.11 -20.55 30.25
C VAL C 205 -21.82 -20.50 28.75
N ASN C 206 -20.65 -19.97 28.35
CA ASN C 206 -20.31 -19.93 26.93
C ASN C 206 -19.80 -21.27 26.44
N VAL C 207 -19.12 -22.05 27.29
CA VAL C 207 -18.73 -23.40 26.90
C VAL C 207 -19.96 -24.26 26.67
N VAL C 208 -20.99 -24.09 27.51
CA VAL C 208 -22.22 -24.84 27.33
C VAL C 208 -22.89 -24.49 26.00
N ALA C 209 -22.85 -23.20 25.64
CA ALA C 209 -23.39 -22.79 24.35
C ALA C 209 -22.56 -23.37 23.20
N TRP C 210 -21.23 -23.42 23.37
CA TRP C 210 -20.38 -23.99 22.34
C TRP C 210 -20.61 -25.49 22.20
N LEU C 211 -20.79 -26.20 23.31
CA LEU C 211 -21.12 -27.61 23.24
C LEU C 211 -22.50 -27.82 22.65
N TYR C 212 -23.43 -26.91 22.92
CA TYR C 212 -24.75 -26.99 22.29
C TYR C 212 -24.65 -26.78 20.79
N ALA C 213 -23.84 -25.81 20.35
CA ALA C 213 -23.65 -25.60 18.91
C ALA C 213 -23.00 -26.80 18.26
N ALA C 214 -22.16 -27.53 18.99
CA ALA C 214 -21.56 -28.74 18.45
C ALA C 214 -22.61 -29.82 18.21
N ILE C 215 -23.54 -29.98 19.17
CA ILE C 215 -24.62 -30.94 18.99
C ILE C 215 -25.49 -30.56 17.81
N LEU C 216 -25.78 -29.26 17.67
CA LEU C 216 -26.59 -28.79 16.55
C LEU C 216 -25.87 -28.94 15.22
N ASN C 217 -24.54 -29.12 15.24
CA ASN C 217 -23.77 -29.27 14.01
C ASN C 217 -23.24 -30.69 13.83
N GLY C 218 -23.83 -31.66 14.52
CA GLY C 218 -23.48 -33.04 14.31
C GLY C 218 -22.28 -33.53 15.10
N CYS C 219 -22.01 -32.92 16.25
CA CYS C 219 -20.89 -33.31 17.10
C CYS C 219 -21.42 -33.46 18.53
N ALA C 220 -21.75 -34.71 18.90
CA ALA C 220 -22.30 -34.97 20.23
C ALA C 220 -21.70 -36.21 20.86
N TRP C 221 -20.49 -36.60 20.47
CA TRP C 221 -19.86 -37.79 21.06
C TRP C 221 -19.62 -37.63 22.55
N PHE C 222 -19.49 -36.39 23.02
CA PHE C 222 -19.24 -36.10 24.43
C PHE C 222 -20.49 -36.17 25.29
N VAL C 223 -21.67 -36.27 24.69
CA VAL C 223 -22.92 -36.25 25.43
C VAL C 223 -23.17 -37.62 26.03
N LYS C 224 -23.32 -37.68 27.34
CA LYS C 224 -23.60 -38.89 28.08
C LYS C 224 -24.90 -38.70 28.87
N PRO C 225 -25.52 -39.80 29.32
CA PRO C 225 -26.69 -39.65 30.20
C PRO C 225 -26.36 -39.05 31.56
N ASN C 226 -25.09 -39.06 31.97
CA ASN C 226 -24.71 -38.48 33.24
C ASN C 226 -24.99 -36.97 33.25
N ARG C 227 -25.14 -36.43 34.45
CA ARG C 227 -25.42 -35.00 34.61
C ARG C 227 -24.87 -34.51 35.93
N THR C 228 -24.36 -33.28 35.92
CA THR C 228 -23.94 -32.57 37.13
C THR C 228 -24.87 -31.39 37.34
N SER C 229 -25.39 -31.26 38.56
CA SER C 229 -26.29 -30.17 38.87
C SER C 229 -25.56 -28.83 38.79
N VAL C 230 -26.34 -27.76 38.62
CA VAL C 230 -25.77 -26.42 38.56
C VAL C 230 -25.04 -26.10 39.86
N VAL C 231 -25.62 -26.49 40.99
CA VAL C 231 -25.01 -26.20 42.28
C VAL C 231 -23.70 -26.97 42.44
N SER C 232 -23.68 -28.25 42.06
N SER C 232 -23.68 -28.25 42.05
CA SER C 232 -22.46 -29.03 42.19
CA SER C 232 -22.46 -29.04 42.18
C SER C 232 -21.41 -28.60 41.17
C SER C 232 -21.41 -28.61 41.17
N PHE C 233 -21.83 -28.16 39.98
CA PHE C 233 -20.87 -27.68 39.00
C PHE C 233 -20.21 -26.39 39.47
N ASN C 234 -21.00 -25.46 40.01
CA ASN C 234 -20.47 -24.19 40.49
C ASN C 234 -19.54 -24.38 41.68
N GLU C 235 -19.71 -25.46 42.46
CA GLU C 235 -18.73 -25.78 43.49
C GLU C 235 -17.44 -26.28 42.85
N TRP C 236 -17.55 -27.17 41.87
CA TRP C 236 -16.37 -27.66 41.15
C TRP C 236 -15.68 -26.54 40.38
N ALA C 237 -16.44 -25.54 39.94
CA ALA C 237 -15.86 -24.44 39.19
C ALA C 237 -14.91 -23.61 40.04
N LEU C 238 -15.16 -23.52 41.34
CA LEU C 238 -14.33 -22.68 42.22
C LEU C 238 -12.89 -23.15 42.27
N ALA C 239 -12.67 -24.46 42.11
CA ALA C 239 -11.33 -25.02 42.23
C ALA C 239 -10.68 -25.34 40.88
N ASN C 240 -11.38 -25.09 39.77
CA ASN C 240 -10.88 -25.49 38.46
C ASN C 240 -10.89 -24.34 37.45
N GLN C 241 -10.97 -23.10 37.94
CA GLN C 241 -10.86 -21.90 37.09
C GLN C 241 -11.99 -21.85 36.06
N PHE C 242 -13.22 -21.94 36.54
CA PHE C 242 -14.41 -21.77 35.72
C PHE C 242 -15.34 -20.77 36.40
N THR C 243 -15.93 -19.88 35.59
CA THR C 243 -16.91 -18.96 36.13
C THR C 243 -18.16 -19.71 36.59
N GLU C 244 -18.90 -19.07 37.49
CA GLU C 244 -20.15 -19.64 37.97
C GLU C 244 -21.17 -19.69 36.84
N PHE C 245 -21.78 -20.86 36.62
CA PHE C 245 -22.79 -21.00 35.59
C PHE C 245 -24.10 -20.41 36.07
N VAL C 246 -24.73 -19.59 35.21
CA VAL C 246 -26.04 -19.01 35.46
C VAL C 246 -26.86 -19.22 34.20
N GLY C 247 -27.84 -20.11 34.28
CA GLY C 247 -28.67 -20.39 33.12
C GLY C 247 -29.55 -19.21 32.73
N THR C 248 -29.83 -19.13 31.44
CA THR C 248 -30.67 -18.11 30.88
C THR C 248 -31.66 -18.74 29.92
N GLN C 249 -32.54 -17.91 29.39
CA GLN C 249 -33.56 -18.32 28.42
C GLN C 249 -32.90 -18.82 27.15
N SER C 250 -31.82 -18.16 26.75
CA SER C 250 -31.05 -18.48 25.58
C SER C 250 -30.48 -19.88 25.72
N VAL C 251 -29.98 -20.22 26.90
CA VAL C 251 -29.47 -21.55 27.15
C VAL C 251 -30.58 -22.58 27.09
N ASP C 252 -31.73 -22.22 27.66
CA ASP C 252 -32.90 -23.10 27.69
C ASP C 252 -33.37 -23.42 26.29
N MET C 253 -33.32 -22.42 25.41
CA MET C 253 -33.69 -22.64 24.02
C MET C 253 -32.75 -23.66 23.36
N LEU C 254 -31.46 -23.61 23.69
CA LEU C 254 -30.53 -24.58 23.15
C LEU C 254 -30.82 -25.98 23.69
N ALA C 255 -31.21 -26.07 24.96
CA ALA C 255 -31.55 -27.37 25.54
C ALA C 255 -32.80 -27.94 24.89
N VAL C 256 -33.77 -27.08 24.56
CA VAL C 256 -35.02 -27.56 23.96
C VAL C 256 -34.76 -28.10 22.55
N LYS C 257 -34.05 -27.32 21.73
CA LYS C 257 -33.84 -27.71 20.34
C LYS C 257 -32.97 -28.94 20.20
N THR C 258 -32.07 -29.18 21.15
CA THR C 258 -31.18 -30.34 21.07
C THR C 258 -31.73 -31.55 21.82
N GLY C 259 -32.57 -31.34 22.83
CA GLY C 259 -33.01 -32.42 23.68
C GLY C 259 -31.98 -32.87 24.70
N VAL C 260 -30.86 -32.16 24.81
CA VAL C 260 -29.82 -32.46 25.80
C VAL C 260 -29.98 -31.50 26.96
N ALA C 261 -29.94 -32.03 28.18
CA ALA C 261 -30.11 -31.19 29.35
C ALA C 261 -28.85 -30.35 29.60
N ILE C 262 -29.07 -29.19 30.23
CA ILE C 262 -27.94 -28.35 30.63
C ILE C 262 -26.98 -29.13 31.53
N GLU C 263 -27.54 -29.90 32.46
CA GLU C 263 -26.71 -30.64 33.41
C GLU C 263 -25.89 -31.72 32.71
N GLN C 264 -26.35 -32.20 31.56
CA GLN C 264 -25.54 -33.15 30.79
C GLN C 264 -24.26 -32.51 30.27
N LEU C 265 -24.36 -31.26 29.81
CA LEU C 265 -23.17 -30.56 29.34
C LEU C 265 -22.29 -30.08 30.49
N LEU C 266 -22.89 -29.83 31.66
CA LEU C 266 -22.08 -29.51 32.83
C LEU C 266 -21.21 -30.69 33.24
N TYR C 267 -21.75 -31.90 33.13
CA TYR C 267 -20.93 -33.09 33.37
C TYR C 267 -19.86 -33.25 32.31
N ALA C 268 -20.21 -32.98 31.04
CA ALA C 268 -19.25 -33.14 29.96
C ALA C 268 -18.06 -32.20 30.13
N ILE C 269 -18.32 -30.96 30.57
CA ILE C 269 -17.24 -30.01 30.77
C ILE C 269 -16.23 -30.55 31.78
N GLN C 270 -16.71 -31.14 32.88
CA GLN C 270 -15.82 -31.68 33.87
C GLN C 270 -14.94 -32.79 33.30
N GLN C 271 -15.48 -33.59 32.37
CA GLN C 271 -14.68 -34.63 31.73
C GLN C 271 -13.75 -34.05 30.68
N LEU C 272 -14.23 -33.11 29.87
CA LEU C 272 -13.42 -32.53 28.80
C LEU C 272 -12.32 -31.62 29.34
N TYR C 273 -12.47 -31.09 30.56
CA TYR C 273 -11.47 -30.19 31.11
C TYR C 273 -10.12 -30.88 31.28
N THR C 274 -10.13 -32.19 31.56
CA THR C 274 -8.87 -32.91 31.69
C THR C 274 -8.19 -33.11 30.34
N GLY C 275 -8.98 -33.30 29.29
N GLY C 275 -8.98 -33.30 29.29
CA GLY C 275 -8.44 -33.50 27.96
CA GLY C 275 -8.43 -33.52 27.96
C GLY C 275 -9.42 -34.21 27.04
C GLY C 275 -9.41 -34.21 27.04
N PHE C 276 -9.38 -33.86 25.75
CA PHE C 276 -10.29 -34.46 24.78
C PHE C 276 -9.88 -35.87 24.37
N GLN C 277 -8.68 -36.32 24.76
CA GLN C 277 -8.17 -37.66 24.44
C GLN C 277 -8.18 -37.92 22.93
N GLY C 278 -7.52 -37.02 22.20
CA GLY C 278 -7.34 -37.18 20.77
C GLY C 278 -8.54 -36.83 19.92
N LYS C 279 -9.72 -36.64 20.51
CA LYS C 279 -10.91 -36.31 19.75
C LYS C 279 -11.03 -34.79 19.58
N GLN C 280 -11.94 -34.39 18.70
CA GLN C 280 -12.16 -32.98 18.38
C GLN C 280 -13.63 -32.63 18.60
N ILE C 281 -13.86 -31.34 18.81
CA ILE C 281 -15.20 -30.78 18.92
C ILE C 281 -15.22 -29.51 18.08
N LEU C 282 -15.90 -29.56 16.93
CA LEU C 282 -16.01 -28.42 16.02
C LEU C 282 -14.61 -27.93 15.60
N GLY C 283 -13.75 -28.87 15.26
CA GLY C 283 -12.42 -28.52 14.79
C GLY C 283 -11.48 -28.02 15.86
N SER C 284 -11.70 -28.39 17.12
N SER C 284 -11.70 -28.39 17.11
CA SER C 284 -10.85 -27.94 18.22
CA SER C 284 -10.87 -27.96 18.22
C SER C 284 -10.74 -29.06 19.25
C SER C 284 -10.72 -29.09 19.22
N THR C 285 -9.52 -29.24 19.77
CA THR C 285 -9.27 -30.17 20.85
C THR C 285 -9.17 -29.47 22.20
N MET C 286 -9.70 -28.25 22.29
CA MET C 286 -9.69 -27.44 23.49
C MET C 286 -11.06 -26.78 23.64
N LEU C 287 -11.45 -26.56 24.90
CA LEU C 287 -12.74 -25.95 25.17
C LEU C 287 -12.77 -24.50 24.68
N GLU C 288 -13.90 -24.11 24.08
CA GLU C 288 -14.09 -22.77 23.55
C GLU C 288 -15.13 -22.05 24.40
N ASP C 289 -14.80 -20.82 24.84
CA ASP C 289 -15.69 -20.06 25.71
C ASP C 289 -15.94 -18.65 25.18
N GLU C 290 -15.70 -18.41 23.90
CA GLU C 290 -15.95 -17.10 23.30
C GLU C 290 -17.21 -17.06 22.46
N PHE C 291 -18.04 -18.11 22.53
CA PHE C 291 -19.34 -18.15 21.85
C PHE C 291 -20.43 -18.12 22.91
N THR C 292 -21.24 -17.07 22.89
CA THR C 292 -22.29 -16.90 23.87
C THR C 292 -23.55 -17.66 23.44
N PRO C 293 -24.45 -17.96 24.38
CA PRO C 293 -25.73 -18.57 23.98
C PRO C 293 -26.53 -17.71 23.02
N GLU C 294 -26.58 -16.40 23.25
CA GLU C 294 -27.28 -15.52 22.32
C GLU C 294 -26.67 -15.60 20.92
N ASP C 295 -25.34 -15.61 20.83
CA ASP C 295 -24.68 -15.73 19.54
C ASP C 295 -25.00 -17.05 18.87
N VAL C 296 -25.02 -18.14 19.64
CA VAL C 296 -25.37 -19.44 19.07
C VAL C 296 -26.82 -19.47 18.63
N ASN C 297 -27.70 -18.83 19.39
CA ASN C 297 -29.12 -18.80 19.03
C ASN C 297 -29.34 -18.02 17.74
N MET C 298 -28.67 -16.88 17.59
N MET C 298 -28.68 -16.87 17.60
CA MET C 298 -28.84 -16.06 16.39
CA MET C 298 -28.85 -16.07 16.39
C MET C 298 -28.25 -16.73 15.16
C MET C 298 -28.26 -16.77 15.17
N GLN C 299 -27.11 -17.42 15.33
CA GLN C 299 -26.43 -18.01 14.18
C GLN C 299 -27.11 -19.30 13.71
N ILE C 300 -27.51 -20.16 14.63
CA ILE C 300 -28.06 -21.46 14.25
C ILE C 300 -29.58 -21.40 14.09
N MET C 301 -30.28 -20.76 15.03
CA MET C 301 -31.74 -20.74 15.02
C MET C 301 -32.33 -19.45 14.49
N GLY C 302 -31.52 -18.42 14.25
CA GLY C 302 -32.05 -17.15 13.80
C GLY C 302 -32.82 -16.38 14.85
N VAL C 303 -32.82 -16.83 16.10
CA VAL C 303 -33.52 -16.14 17.16
C VAL C 303 -32.59 -15.16 17.86
N SER D 1 -0.23 -6.17 19.63
CA SER D 1 0.02 -7.55 19.23
C SER D 1 -1.29 -8.35 19.15
N GLY D 2 -1.17 -9.64 18.87
CA GLY D 2 -2.31 -10.51 18.80
C GLY D 2 -2.71 -10.82 17.36
N LEU D 3 -3.48 -11.90 17.22
CA LEU D 3 -3.99 -12.33 15.91
C LEU D 3 -5.37 -12.92 16.11
N VAL D 4 -6.36 -12.33 15.44
CA VAL D 4 -7.75 -12.78 15.52
C VAL D 4 -8.33 -12.79 14.11
N LYS D 5 -9.50 -13.41 13.97
CA LYS D 5 -10.22 -13.42 12.71
C LYS D 5 -10.81 -12.03 12.47
N MET D 6 -10.26 -11.30 11.50
CA MET D 6 -10.64 -9.93 11.23
C MET D 6 -11.34 -9.81 9.89
N SER D 7 -12.30 -8.89 9.80
CA SER D 7 -13.01 -8.60 8.57
C SER D 7 -12.90 -7.12 8.24
N HIS D 8 -13.16 -6.80 6.99
CA HIS D 8 -13.16 -5.41 6.56
C HIS D 8 -14.37 -4.67 7.13
N PRO D 9 -14.26 -3.36 7.33
N PRO D 9 -14.27 -3.36 7.32
CA PRO D 9 -15.44 -2.59 7.72
CA PRO D 9 -15.45 -2.58 7.71
C PRO D 9 -16.52 -2.68 6.64
C PRO D 9 -16.52 -2.68 6.64
N SER D 10 -17.73 -3.04 7.07
CA SER D 10 -18.83 -3.35 6.16
C SER D 10 -19.65 -2.13 5.75
N GLY D 11 -19.23 -0.93 6.14
CA GLY D 11 -20.07 0.24 5.89
C GLY D 11 -20.29 0.52 4.41
N ASP D 12 -19.23 0.42 3.62
N ASP D 12 -19.23 0.42 3.62
CA ASP D 12 -19.36 0.71 2.19
CA ASP D 12 -19.36 0.71 2.18
C ASP D 12 -20.24 -0.31 1.48
C ASP D 12 -20.24 -0.31 1.48
N VAL D 13 -20.28 -1.54 1.97
CA VAL D 13 -21.11 -2.57 1.36
C VAL D 13 -22.55 -2.52 1.90
N GLU D 14 -22.72 -2.09 3.15
CA GLU D 14 -24.07 -1.98 3.72
C GLU D 14 -24.95 -1.04 2.92
N ALA D 15 -24.37 0.01 2.34
CA ALA D 15 -25.13 1.00 1.61
C ALA D 15 -25.57 0.53 0.23
N CYS D 16 -25.16 -0.67 -0.20
CA CYS D 16 -25.53 -1.21 -1.50
C CYS D 16 -26.46 -2.41 -1.40
N MET D 17 -26.81 -2.85 -0.19
CA MET D 17 -27.67 -4.02 -0.01
C MET D 17 -29.13 -3.62 -0.09
N VAL D 18 -29.91 -4.44 -0.81
CA VAL D 18 -31.34 -4.22 -0.98
C VAL D 18 -32.04 -5.57 -0.91
N GLN D 19 -33.36 -5.52 -0.90
CA GLN D 19 -34.16 -6.72 -0.84
C GLN D 19 -34.78 -6.96 -2.21
N VAL D 20 -34.57 -8.14 -2.76
CA VAL D 20 -35.15 -8.47 -4.05
C VAL D 20 -36.25 -9.50 -3.86
N THR D 21 -37.44 -9.16 -4.31
CA THR D 21 -38.58 -10.04 -4.17
C THR D 21 -39.23 -10.38 -5.50
N CYS D 22 -39.41 -11.67 -5.75
CA CYS D 22 -40.05 -12.12 -6.96
C CYS D 22 -41.20 -12.98 -6.51
N GLY D 23 -42.42 -12.56 -6.81
CA GLY D 23 -43.57 -13.30 -6.37
C GLY D 23 -43.52 -13.43 -4.86
N SER D 24 -43.73 -14.65 -4.39
CA SER D 24 -43.69 -14.96 -2.96
C SER D 24 -42.31 -14.88 -2.30
N MET D 25 -41.28 -15.33 -3.01
CA MET D 25 -39.91 -15.33 -2.52
C MET D 25 -39.19 -13.97 -2.45
N THR D 26 -38.39 -13.78 -1.41
CA THR D 26 -37.62 -12.56 -1.26
C THR D 26 -36.21 -12.86 -0.76
N LEU D 27 -35.22 -12.17 -1.31
CA LEU D 27 -33.84 -12.34 -0.84
C LEU D 27 -33.04 -11.04 -0.92
N ASN D 28 -31.73 -11.14 -0.79
CA ASN D 28 -30.89 -9.94 -0.76
C ASN D 28 -30.36 -9.60 -2.15
N GLY D 29 -30.14 -8.31 -2.37
CA GLY D 29 -29.62 -7.84 -3.63
C GLY D 29 -28.51 -6.82 -3.43
N LEU D 30 -27.65 -6.72 -4.44
CA LEU D 30 -26.52 -5.80 -4.43
C LEU D 30 -26.79 -4.67 -5.41
N TRP D 31 -26.91 -3.45 -4.90
CA TRP D 31 -27.25 -2.28 -5.69
C TRP D 31 -25.97 -1.53 -6.05
N LEU D 32 -25.51 -1.69 -7.28
CA LEU D 32 -24.34 -0.99 -7.80
C LEU D 32 -24.75 -0.21 -9.03
N ASP D 33 -24.59 1.12 -8.98
CA ASP D 33 -25.00 2.01 -10.06
C ASP D 33 -26.47 1.80 -10.39
N ASN D 34 -26.76 1.46 -11.65
CA ASN D 34 -28.13 1.21 -12.08
C ASN D 34 -28.47 -0.27 -12.13
N THR D 35 -27.59 -1.13 -11.62
CA THR D 35 -27.77 -2.58 -11.67
C THR D 35 -28.01 -3.13 -10.27
N VAL D 36 -28.89 -4.12 -10.18
CA VAL D 36 -29.18 -4.82 -8.93
C VAL D 36 -28.89 -6.30 -9.16
N TRP D 37 -27.97 -6.84 -8.37
CA TRP D 37 -27.55 -8.24 -8.50
C TRP D 37 -28.19 -9.08 -7.41
N CYS D 38 -28.74 -10.23 -7.79
CA CYS D 38 -29.35 -11.16 -6.85
C CYS D 38 -29.34 -12.54 -7.48
N PRO D 39 -29.34 -13.61 -6.67
CA PRO D 39 -29.39 -14.96 -7.25
C PRO D 39 -30.69 -15.19 -8.02
N ARG D 40 -30.57 -15.99 -9.08
CA ARG D 40 -31.68 -16.25 -9.97
C ARG D 40 -32.72 -17.18 -9.35
N HIS D 41 -32.35 -17.91 -8.31
CA HIS D 41 -33.27 -18.87 -7.71
C HIS D 41 -34.36 -18.20 -6.89
N VAL D 42 -34.38 -16.88 -6.80
CA VAL D 42 -35.51 -16.19 -6.16
C VAL D 42 -36.76 -16.33 -7.03
N MET D 43 -36.58 -16.46 -8.34
CA MET D 43 -37.72 -16.65 -9.25
C MET D 43 -38.40 -17.98 -8.98
N CYS D 44 -37.62 -19.02 -8.70
CA CYS D 44 -38.15 -20.37 -8.58
C CYS D 44 -39.05 -20.48 -7.36
N PRO D 45 -40.16 -21.20 -7.47
CA PRO D 45 -40.98 -21.49 -6.29
C PRO D 45 -40.40 -22.67 -5.51
N ALA D 46 -40.88 -22.81 -4.27
CA ALA D 46 -40.33 -23.82 -3.37
C ALA D 46 -40.52 -25.23 -3.92
N ASP D 47 -41.72 -25.53 -4.43
CA ASP D 47 -42.01 -26.87 -4.91
C ASP D 47 -41.18 -27.24 -6.14
N GLN D 48 -40.90 -26.27 -7.01
CA GLN D 48 -40.15 -26.50 -8.23
C GLN D 48 -38.64 -26.36 -8.04
N LEU D 49 -38.17 -26.21 -6.80
CA LEU D 49 -36.74 -26.00 -6.56
C LEU D 49 -35.89 -27.21 -6.88
N SER D 50 -36.50 -28.41 -6.95
CA SER D 50 -35.71 -29.62 -7.20
C SER D 50 -35.11 -29.59 -8.60
N ASP D 51 -35.94 -29.38 -9.63
CA ASP D 51 -35.49 -29.30 -11.02
C ASP D 51 -35.92 -27.96 -11.59
N PRO D 52 -35.17 -26.89 -11.30
CA PRO D 52 -35.52 -25.56 -11.78
C PRO D 52 -35.22 -25.33 -13.25
N ASN D 53 -36.24 -24.95 -14.01
CA ASN D 53 -36.06 -24.66 -15.43
C ASN D 53 -35.20 -23.43 -15.73
N TYR D 54 -35.46 -22.35 -14.99
CA TYR D 54 -34.78 -21.03 -15.07
C TYR D 54 -35.06 -20.22 -16.34
N ASP D 55 -34.70 -20.77 -17.49
CA ASP D 55 -34.88 -20.07 -18.75
C ASP D 55 -36.33 -19.79 -18.99
N ALA D 56 -37.20 -20.78 -18.76
CA ALA D 56 -38.62 -20.52 -18.91
C ALA D 56 -39.04 -19.52 -17.86
N LEU D 57 -38.56 -19.68 -16.64
CA LEU D 57 -38.91 -18.77 -15.56
C LEU D 57 -38.49 -17.35 -15.89
N LEU D 58 -37.30 -17.19 -16.46
CA LEU D 58 -36.81 -15.89 -16.88
C LEU D 58 -37.70 -15.31 -17.96
N ILE D 59 -38.13 -16.16 -18.89
CA ILE D 59 -39.00 -15.73 -19.98
C ILE D 59 -40.36 -15.28 -19.47
N SER D 60 -40.93 -16.07 -18.58
CA SER D 60 -42.26 -15.72 -18.05
C SER D 60 -42.26 -14.38 -17.34
N MET D 61 -41.11 -13.89 -16.90
CA MET D 61 -41.08 -12.77 -15.99
C MET D 61 -41.27 -11.46 -16.74
N THR D 62 -41.56 -10.41 -16.00
CA THR D 62 -41.76 -9.06 -16.54
C THR D 62 -41.10 -8.07 -15.59
N ASN D 63 -41.30 -6.78 -15.83
CA ASN D 63 -40.57 -5.75 -15.08
C ASN D 63 -41.27 -5.35 -13.79
N HIS D 64 -42.58 -5.06 -13.84
CA HIS D 64 -43.29 -4.65 -12.63
C HIS D 64 -43.33 -5.74 -11.57
N SER D 65 -43.09 -6.99 -11.97
CA SER D 65 -43.17 -8.12 -11.07
C SER D 65 -42.06 -8.10 -10.02
N PHE D 66 -40.81 -7.95 -10.45
CA PHE D 66 -39.70 -7.85 -9.50
C PHE D 66 -39.88 -6.63 -8.60
N SER D 67 -39.42 -6.76 -7.36
CA SER D 67 -39.55 -5.69 -6.36
C SER D 67 -38.22 -5.51 -5.65
N VAL D 68 -37.69 -4.28 -5.67
CA VAL D 68 -36.43 -3.96 -5.03
C VAL D 68 -36.68 -2.81 -4.06
N GLN D 69 -36.30 -3.01 -2.80
CA GLN D 69 -36.47 -2.01 -1.76
C GLN D 69 -35.21 -1.91 -0.92
N LYS D 70 -34.92 -0.70 -0.45
CA LYS D 70 -33.74 -0.43 0.38
C LYS D 70 -34.22 0.07 1.74
N HIS D 71 -34.00 -0.72 2.78
CA HIS D 71 -34.42 -0.35 4.12
C HIS D 71 -33.30 0.31 4.93
N ILE D 72 -32.05 0.02 4.60
CA ILE D 72 -30.90 0.49 5.36
C ILE D 72 -30.45 1.83 4.82
N GLY D 73 -30.06 2.73 5.73
CA GLY D 73 -29.68 4.06 5.31
C GLY D 73 -30.89 4.87 4.94
N ALA D 74 -30.77 5.64 3.85
CA ALA D 74 -31.90 6.40 3.34
C ALA D 74 -32.84 5.46 2.60
N PRO D 75 -34.06 5.27 3.10
CA PRO D 75 -35.01 4.42 2.38
C PRO D 75 -35.35 5.01 1.03
N ALA D 76 -35.43 4.15 0.01
CA ALA D 76 -35.62 4.60 -1.36
C ALA D 76 -36.63 3.70 -2.06
N ASN D 77 -37.23 4.24 -3.11
CA ASN D 77 -38.16 3.52 -3.97
C ASN D 77 -37.46 3.23 -5.28
N LEU D 78 -37.32 1.95 -5.61
CA LEU D 78 -36.62 1.51 -6.81
C LEU D 78 -37.60 0.80 -7.73
N ARG D 79 -37.64 1.24 -8.99
CA ARG D 79 -38.51 0.65 -10.00
C ARG D 79 -37.67 -0.04 -11.06
N VAL D 80 -37.98 -1.30 -11.34
CA VAL D 80 -37.22 -2.09 -12.30
C VAL D 80 -37.62 -1.68 -13.71
N VAL D 81 -36.62 -1.37 -14.54
CA VAL D 81 -36.85 -1.00 -15.93
C VAL D 81 -36.27 -2.01 -16.90
N GLY D 82 -35.44 -2.94 -16.43
CA GLY D 82 -34.89 -3.97 -17.29
C GLY D 82 -34.32 -5.13 -16.48
N HIS D 83 -34.73 -6.35 -16.80
CA HIS D 83 -34.26 -7.54 -16.10
C HIS D 83 -33.56 -8.46 -17.09
N ALA D 84 -32.30 -8.75 -16.83
CA ALA D 84 -31.50 -9.66 -17.64
C ALA D 84 -31.12 -10.88 -16.79
N MET D 85 -30.15 -11.65 -17.28
CA MET D 85 -29.84 -12.94 -16.69
C MET D 85 -28.48 -13.39 -17.18
N GLN D 86 -27.49 -13.42 -16.28
CA GLN D 86 -26.14 -13.84 -16.62
C GLN D 86 -25.72 -14.93 -15.63
N GLY D 87 -25.56 -16.16 -16.14
CA GLY D 87 -25.17 -17.25 -15.28
C GLY D 87 -26.23 -17.56 -14.23
N THR D 88 -25.78 -17.84 -13.01
CA THR D 88 -26.69 -18.10 -11.90
C THR D 88 -27.09 -16.84 -11.14
N LEU D 89 -27.07 -15.69 -11.80
CA LEU D 89 -27.48 -14.43 -11.21
C LEU D 89 -28.42 -13.69 -12.15
N LEU D 90 -29.25 -12.83 -11.58
CA LEU D 90 -30.19 -12.01 -12.32
C LEU D 90 -29.75 -10.55 -12.21
N LYS D 91 -29.54 -9.90 -13.34
CA LYS D 91 -29.08 -8.52 -13.40
C LYS D 91 -30.28 -7.62 -13.68
N LEU D 92 -30.92 -7.14 -12.62
CA LEU D 92 -32.00 -6.20 -12.75
C LEU D 92 -31.46 -4.79 -12.93
N THR D 93 -32.21 -3.96 -13.66
CA THR D 93 -31.86 -2.57 -13.89
C THR D 93 -32.95 -1.68 -13.32
N VAL D 94 -32.54 -0.68 -12.53
CA VAL D 94 -33.47 0.23 -11.89
C VAL D 94 -33.32 1.61 -12.50
N ASP D 95 -34.35 2.43 -12.32
CA ASP D 95 -34.37 3.78 -12.86
C ASP D 95 -33.53 4.76 -12.04
N VAL D 96 -33.11 4.38 -10.84
CA VAL D 96 -32.35 5.25 -9.96
C VAL D 96 -30.99 4.61 -9.70
N ALA D 97 -29.93 5.39 -9.91
CA ALA D 97 -28.58 4.92 -9.63
C ALA D 97 -28.27 5.06 -8.14
N ASN D 98 -27.51 4.11 -7.61
CA ASN D 98 -27.15 4.13 -6.20
C ASN D 98 -26.15 5.26 -5.95
N PRO D 99 -26.52 6.29 -5.17
CA PRO D 99 -25.55 7.37 -4.91
C PRO D 99 -24.36 6.92 -4.08
N SER D 100 -24.53 5.89 -3.25
CA SER D 100 -23.45 5.38 -2.41
C SER D 100 -22.62 4.31 -3.10
N THR D 101 -22.64 4.26 -4.42
CA THR D 101 -21.86 3.27 -5.16
C THR D 101 -20.37 3.53 -4.95
N PRO D 102 -19.60 2.56 -4.46
CA PRO D 102 -18.17 2.79 -4.25
C PRO D 102 -17.36 2.42 -5.48
N ALA D 103 -16.04 2.60 -5.40
CA ALA D 103 -15.13 2.15 -6.44
C ALA D 103 -14.97 0.64 -6.30
N TYR D 104 -15.44 -0.11 -7.29
CA TYR D 104 -15.51 -1.56 -7.18
C TYR D 104 -15.06 -2.22 -8.47
N THR D 105 -14.48 -3.41 -8.34
CA THR D 105 -14.17 -4.29 -9.44
C THR D 105 -14.67 -5.69 -9.11
N PHE D 106 -14.86 -6.50 -10.13
CA PHE D 106 -15.36 -7.86 -9.98
C PHE D 106 -14.21 -8.85 -10.19
N THR D 107 -13.95 -9.68 -9.18
CA THR D 107 -12.89 -10.66 -9.25
C THR D 107 -13.42 -12.02 -8.80
N THR D 108 -12.70 -13.06 -9.20
CA THR D 108 -13.03 -14.44 -8.83
C THR D 108 -11.98 -14.95 -7.86
N VAL D 109 -12.43 -15.44 -6.70
CA VAL D 109 -11.50 -15.90 -5.68
C VAL D 109 -10.79 -17.16 -6.14
N LYS D 110 -9.68 -17.47 -5.49
CA LYS D 110 -8.93 -18.69 -5.68
C LYS D 110 -8.80 -19.43 -4.35
N PRO D 111 -8.62 -20.75 -4.39
CA PRO D 111 -8.52 -21.52 -3.13
C PRO D 111 -7.37 -21.03 -2.26
N GLY D 112 -7.72 -20.57 -1.06
CA GLY D 112 -6.76 -20.06 -0.10
C GLY D 112 -6.89 -18.58 0.16
N ALA D 113 -7.55 -17.84 -0.72
CA ALA D 113 -7.67 -16.39 -0.57
C ALA D 113 -8.84 -16.07 0.34
N ALA D 114 -8.58 -15.26 1.36
CA ALA D 114 -9.61 -14.85 2.31
C ALA D 114 -10.43 -13.68 1.76
N PHE D 115 -11.63 -13.53 2.33
CA PHE D 115 -12.47 -12.38 2.01
C PHE D 115 -13.55 -12.26 3.09
N SER D 116 -14.18 -11.09 3.14
CA SER D 116 -15.17 -10.78 4.14
C SER D 116 -16.57 -10.94 3.58
N VAL D 117 -17.47 -11.45 4.41
CA VAL D 117 -18.86 -11.72 4.03
C VAL D 117 -19.77 -10.84 4.87
N LEU D 118 -20.78 -10.24 4.23
CA LEU D 118 -21.79 -9.43 4.90
C LEU D 118 -23.10 -10.19 4.86
N ALA D 119 -23.42 -10.88 5.95
CA ALA D 119 -24.64 -11.68 6.01
C ALA D 119 -25.85 -10.77 6.10
N CYS D 120 -26.82 -10.98 5.21
CA CYS D 120 -28.02 -10.15 5.15
C CYS D 120 -29.26 -11.02 5.10
N TYR D 121 -30.37 -10.43 5.56
CA TYR D 121 -31.67 -11.09 5.52
C TYR D 121 -32.73 -10.02 5.26
N ASN D 122 -33.52 -10.21 4.19
CA ASN D 122 -34.53 -9.25 3.77
C ASN D 122 -33.92 -7.88 3.47
N GLY D 123 -32.72 -7.90 2.88
CA GLY D 123 -32.02 -6.66 2.56
C GLY D 123 -31.45 -5.92 3.75
N ARG D 124 -31.35 -6.56 4.91
CA ARG D 124 -30.86 -5.94 6.12
C ARG D 124 -29.59 -6.64 6.57
N PRO D 125 -28.45 -5.94 6.66
CA PRO D 125 -27.23 -6.59 7.17
C PRO D 125 -27.38 -6.98 8.63
N THR D 126 -27.04 -8.24 8.94
N THR D 126 -27.04 -8.23 8.94
CA THR D 126 -27.13 -8.76 10.29
CA THR D 126 -27.13 -8.76 10.29
C THR D 126 -25.79 -9.14 10.90
C THR D 126 -25.80 -9.15 10.90
N GLY D 127 -24.79 -9.45 10.09
CA GLY D 127 -23.50 -9.84 10.63
C GLY D 127 -22.44 -9.82 9.55
N THR D 128 -21.19 -9.94 10.01
CA THR D 128 -20.05 -9.99 9.11
C THR D 128 -18.99 -10.91 9.69
N PHE D 129 -18.27 -11.60 8.81
CA PHE D 129 -17.25 -12.56 9.22
C PHE D 129 -16.33 -12.81 8.04
N THR D 130 -15.20 -13.45 8.32
CA THR D 130 -14.16 -13.71 7.32
C THR D 130 -14.09 -15.20 7.04
N VAL D 131 -14.11 -15.55 5.76
CA VAL D 131 -13.94 -16.93 5.31
C VAL D 131 -12.82 -16.99 4.28
N VAL D 132 -12.20 -18.17 4.18
CA VAL D 132 -11.23 -18.47 3.15
C VAL D 132 -11.87 -19.44 2.18
N MET D 133 -11.80 -19.14 0.90
CA MET D 133 -12.29 -20.07 -0.09
C MET D 133 -11.45 -21.34 -0.08
N ARG D 134 -12.09 -22.47 0.19
CA ARG D 134 -11.39 -23.72 0.40
C ARG D 134 -11.09 -24.41 -0.92
N PRO D 135 -10.15 -25.37 -0.92
CA PRO D 135 -9.77 -26.04 -2.18
C PRO D 135 -10.93 -26.65 -2.95
N ASN D 136 -11.98 -27.13 -2.28
CA ASN D 136 -13.13 -27.65 -3.00
C ASN D 136 -14.11 -26.56 -3.43
N TYR D 137 -13.68 -25.30 -3.37
CA TYR D 137 -14.48 -24.16 -3.83
C TYR D 137 -15.76 -24.00 -3.01
N THR D 138 -15.69 -24.33 -1.73
CA THR D 138 -16.74 -24.04 -0.77
C THR D 138 -16.17 -23.14 0.32
N ILE D 139 -17.06 -22.68 1.20
CA ILE D 139 -16.66 -21.82 2.33
C ILE D 139 -17.35 -22.31 3.58
N LYS D 140 -16.63 -22.27 4.70
CA LYS D 140 -17.20 -22.63 6.00
C LYS D 140 -17.71 -21.35 6.65
N GLY D 141 -18.93 -20.98 6.26
CA GLY D 141 -19.56 -19.77 6.74
C GLY D 141 -20.65 -20.04 7.76
N SER D 142 -21.52 -19.05 7.93
CA SER D 142 -22.67 -19.14 8.83
C SER D 142 -23.86 -18.52 8.11
N PHE D 143 -24.68 -19.37 7.49
CA PHE D 143 -25.80 -18.90 6.68
C PHE D 143 -27.06 -19.66 7.06
N LEU D 144 -28.19 -18.98 6.92
CA LEU D 144 -29.51 -19.55 7.17
C LEU D 144 -30.37 -19.31 5.93
N CYS D 145 -31.63 -19.74 6.01
CA CYS D 145 -32.55 -19.53 4.90
C CYS D 145 -32.90 -18.05 4.80
N GLY D 146 -32.68 -17.48 3.61
CA GLY D 146 -32.86 -16.06 3.37
C GLY D 146 -31.58 -15.29 3.21
N SER D 147 -30.42 -15.92 3.40
CA SER D 147 -29.13 -15.25 3.26
C SER D 147 -28.61 -15.25 1.83
N ALA D 148 -29.34 -15.84 0.88
CA ALA D 148 -28.94 -15.78 -0.51
C ALA D 148 -28.95 -14.34 -0.99
N GLY D 149 -27.85 -13.92 -1.62
CA GLY D 149 -27.63 -12.53 -1.97
C GLY D 149 -26.61 -11.84 -1.10
N SER D 150 -26.27 -12.43 0.05
CA SER D 150 -25.18 -11.91 0.86
C SER D 150 -23.89 -11.95 0.05
N VAL D 151 -23.13 -10.86 0.09
CA VAL D 151 -21.98 -10.71 -0.79
C VAL D 151 -20.70 -10.94 0.00
N GLY D 152 -19.71 -11.48 -0.69
CA GLY D 152 -18.35 -11.60 -0.18
C GLY D 152 -17.47 -10.61 -0.92
N TYR D 153 -16.72 -9.83 -0.14
N TYR D 153 -16.72 -9.83 -0.14
CA TYR D 153 -15.92 -8.75 -0.70
CA TYR D 153 -15.92 -8.74 -0.70
C TYR D 153 -14.55 -8.71 -0.03
C TYR D 153 -14.55 -8.71 -0.03
N THR D 154 -13.61 -8.07 -0.71
CA THR D 154 -12.29 -7.78 -0.18
C THR D 154 -12.00 -6.31 -0.42
N LYS D 155 -11.07 -5.76 0.36
CA LYS D 155 -10.75 -4.34 0.30
C LYS D 155 -9.25 -4.17 0.05
N GLU D 156 -8.91 -3.59 -1.10
CA GLU D 156 -7.53 -3.29 -1.46
C GLU D 156 -7.44 -1.77 -1.63
N GLY D 157 -6.83 -1.12 -0.65
CA GLY D 157 -6.77 0.34 -0.64
C GLY D 157 -8.14 0.95 -0.51
N SER D 158 -8.62 1.60 -1.58
CA SER D 158 -9.95 2.18 -1.62
C SER D 158 -10.87 1.48 -2.61
N VAL D 159 -10.50 0.27 -3.04
CA VAL D 159 -11.25 -0.48 -4.03
C VAL D 159 -11.92 -1.67 -3.34
N ILE D 160 -13.19 -1.90 -3.66
CA ILE D 160 -13.96 -3.01 -3.13
C ILE D 160 -13.90 -4.15 -4.14
N ASN D 161 -13.34 -5.29 -3.71
CA ASN D 161 -13.21 -6.46 -4.57
C ASN D 161 -14.39 -7.40 -4.30
N PHE D 162 -15.51 -7.10 -4.95
CA PHE D 162 -16.68 -7.97 -4.89
C PHE D 162 -16.34 -9.30 -5.55
N CYS D 163 -16.43 -10.39 -4.78
CA CYS D 163 -15.93 -11.68 -5.23
C CYS D 163 -16.85 -12.85 -4.91
N TYR D 164 -18.03 -12.61 -4.35
CA TYR D 164 -18.88 -13.71 -3.88
C TYR D 164 -20.28 -13.19 -3.67
N MET D 165 -21.27 -13.94 -4.15
CA MET D 165 -22.67 -13.72 -3.80
C MET D 165 -23.23 -15.06 -3.34
N HIS D 166 -23.76 -15.08 -2.12
CA HIS D 166 -24.21 -16.34 -1.53
C HIS D 166 -25.38 -16.92 -2.31
N GLN D 167 -25.44 -18.25 -2.32
CA GLN D 167 -26.44 -18.95 -3.12
C GLN D 167 -27.15 -20.04 -2.32
N MET D 168 -26.39 -20.97 -1.75
CA MET D 168 -27.01 -22.13 -1.12
C MET D 168 -26.05 -22.73 -0.11
N GLU D 169 -26.57 -23.70 0.65
CA GLU D 169 -25.80 -24.47 1.62
C GLU D 169 -25.72 -25.91 1.15
N LEU D 170 -24.50 -26.44 1.03
CA LEU D 170 -24.31 -27.79 0.51
C LEU D 170 -24.41 -28.84 1.62
N ALA D 171 -23.71 -28.64 2.72
CA ALA D 171 -23.74 -29.56 3.85
C ALA D 171 -23.72 -28.75 5.13
N ASN D 172 -23.51 -29.44 6.25
N ASN D 172 -23.49 -29.44 6.25
CA ASN D 172 -23.46 -28.78 7.56
CA ASN D 172 -23.48 -28.78 7.56
C ASN D 172 -22.28 -27.82 7.62
C ASN D 172 -22.29 -27.83 7.64
N GLY D 173 -22.57 -26.53 7.72
CA GLY D 173 -21.53 -25.51 7.74
C GLY D 173 -20.79 -25.33 6.45
N THR D 174 -21.22 -25.98 5.37
CA THR D 174 -20.57 -25.92 4.08
C THR D 174 -21.45 -25.16 3.10
N HIS D 175 -20.96 -24.04 2.59
CA HIS D 175 -21.73 -23.18 1.70
C HIS D 175 -20.92 -22.88 0.46
N THR D 176 -21.63 -22.45 -0.58
CA THR D 176 -21.00 -22.03 -1.82
C THR D 176 -21.85 -20.96 -2.47
N GLY D 177 -21.22 -20.15 -3.31
CA GLY D 177 -21.90 -19.07 -3.98
C GLY D 177 -21.43 -18.92 -5.41
N SER D 178 -21.86 -17.84 -6.07
CA SER D 178 -21.53 -17.59 -7.45
C SER D 178 -20.73 -16.31 -7.57
N ALA D 179 -19.72 -16.34 -8.43
CA ALA D 179 -19.00 -15.11 -8.77
C ALA D 179 -19.93 -14.17 -9.55
N PHE D 180 -19.56 -12.90 -9.57
CA PHE D 180 -20.41 -11.90 -10.19
C PHE D 180 -20.35 -11.92 -11.71
N ASP D 181 -19.56 -12.80 -12.31
CA ASP D 181 -19.72 -13.06 -13.73
C ASP D 181 -21.04 -13.75 -14.01
N GLY D 182 -21.48 -14.60 -13.08
CA GLY D 182 -22.69 -15.38 -13.25
C GLY D 182 -22.42 -16.85 -12.95
N THR D 183 -21.16 -17.26 -13.08
CA THR D 183 -20.79 -18.65 -12.83
C THR D 183 -20.83 -18.95 -11.34
N MET D 184 -21.12 -20.21 -11.03
CA MET D 184 -21.15 -20.70 -9.65
C MET D 184 -19.82 -21.34 -9.30
N TYR D 185 -19.28 -20.98 -8.14
CA TYR D 185 -18.03 -21.58 -7.69
C TYR D 185 -18.22 -23.07 -7.43
N GLY D 186 -17.17 -23.84 -7.71
CA GLY D 186 -17.22 -25.28 -7.54
C GLY D 186 -17.99 -26.02 -8.60
N ALA D 187 -18.31 -25.38 -9.71
CA ALA D 187 -19.13 -25.91 -10.80
C ALA D 187 -20.48 -26.44 -10.33
N PHE D 188 -20.90 -26.09 -9.12
CA PHE D 188 -22.19 -26.52 -8.61
C PHE D 188 -23.32 -25.84 -9.38
N MET D 189 -24.52 -26.40 -9.26
CA MET D 189 -25.71 -25.84 -9.87
C MET D 189 -26.72 -25.47 -8.79
N ASP D 190 -27.42 -24.36 -9.01
CA ASP D 190 -28.38 -23.85 -8.03
C ASP D 190 -29.70 -24.62 -8.15
N LYS D 191 -29.62 -25.89 -7.77
CA LYS D 191 -30.79 -26.77 -7.78
C LYS D 191 -30.78 -27.60 -6.50
N GLN D 192 -31.95 -27.72 -5.87
CA GLN D 192 -32.04 -28.48 -4.63
C GLN D 192 -31.92 -29.96 -4.91
N VAL D 193 -30.68 -30.45 -4.99
CA VAL D 193 -30.39 -31.87 -5.15
C VAL D 193 -29.02 -32.13 -4.54
N HIS D 194 -28.79 -33.36 -4.11
CA HIS D 194 -27.47 -33.73 -3.59
C HIS D 194 -26.43 -33.54 -4.69
N GLN D 195 -25.35 -32.83 -4.36
CA GLN D 195 -24.29 -32.55 -5.31
C GLN D 195 -22.98 -33.16 -4.80
N VAL D 196 -22.25 -33.78 -5.72
CA VAL D 196 -20.92 -34.29 -5.39
C VAL D 196 -19.99 -33.11 -5.14
N GLN D 197 -19.37 -33.09 -3.97
CA GLN D 197 -18.44 -32.04 -3.59
C GLN D 197 -17.04 -32.64 -3.45
N LEU D 198 -16.07 -32.03 -4.13
CA LEU D 198 -14.70 -32.52 -4.08
C LEU D 198 -14.14 -32.42 -2.65
N THR D 199 -13.02 -33.09 -2.44
CA THR D 199 -12.42 -33.16 -1.11
C THR D 199 -11.86 -31.79 -0.71
N ASP D 200 -11.93 -31.51 0.59
CA ASP D 200 -11.36 -30.30 1.16
C ASP D 200 -9.93 -30.56 1.61
N LYS D 201 -9.09 -29.54 1.47
CA LYS D 201 -7.67 -29.67 1.77
C LYS D 201 -7.19 -28.49 2.60
N TYR D 202 -6.08 -28.70 3.30
CA TYR D 202 -5.45 -27.64 4.08
C TYR D 202 -4.70 -26.69 3.15
N CYS D 203 -5.05 -25.40 3.23
CA CYS D 203 -4.37 -24.37 2.43
C CYS D 203 -2.96 -24.18 2.97
N SER D 204 -1.98 -24.73 2.26
CA SER D 204 -0.61 -24.81 2.79
C SER D 204 0.00 -23.43 2.97
N VAL D 205 -0.19 -22.53 2.01
CA VAL D 205 0.44 -21.21 2.11
C VAL D 205 -0.17 -20.40 3.24
N ASN D 206 -1.42 -20.68 3.61
CA ASN D 206 -2.04 -19.98 4.73
C ASN D 206 -1.66 -20.59 6.07
N VAL D 207 -1.27 -21.87 6.11
CA VAL D 207 -0.76 -22.45 7.34
C VAL D 207 0.60 -21.85 7.70
N VAL D 208 1.52 -21.81 6.73
CA VAL D 208 2.85 -21.25 6.97
C VAL D 208 2.74 -19.82 7.48
N ALA D 209 1.82 -19.04 6.90
CA ALA D 209 1.59 -17.68 7.37
C ALA D 209 1.17 -17.68 8.83
N TRP D 210 0.22 -18.54 9.19
CA TRP D 210 -0.28 -18.56 10.56
C TRP D 210 0.80 -18.96 11.55
N LEU D 211 1.73 -19.81 11.14
CA LEU D 211 2.84 -20.14 12.06
C LEU D 211 3.81 -18.98 12.15
N TYR D 212 3.94 -18.18 11.09
CA TYR D 212 4.77 -16.99 11.15
C TYR D 212 4.24 -15.99 12.16
N ALA D 213 2.92 -15.76 12.15
CA ALA D 213 2.31 -14.89 13.14
C ALA D 213 2.58 -15.36 14.56
N ALA D 214 2.67 -16.68 14.76
CA ALA D 214 2.99 -17.21 16.08
C ALA D 214 4.40 -16.80 16.51
N ILE D 215 5.37 -16.94 15.60
CA ILE D 215 6.74 -16.53 15.91
C ILE D 215 6.78 -15.04 16.22
N LEU D 216 6.08 -14.23 15.43
CA LEU D 216 6.04 -12.80 15.63
C LEU D 216 5.36 -12.40 16.94
N ASN D 217 4.55 -13.29 17.51
CA ASN D 217 3.84 -13.03 18.75
C ASN D 217 4.45 -13.77 19.94
N GLY D 218 5.67 -14.28 19.79
CA GLY D 218 6.37 -14.91 20.89
C GLY D 218 6.25 -16.41 20.99
N CYS D 219 5.57 -17.05 20.04
CA CYS D 219 5.44 -18.51 20.03
C CYS D 219 6.63 -19.08 19.27
N ALA D 220 7.70 -19.38 20.00
CA ALA D 220 8.93 -19.86 19.38
C ALA D 220 9.33 -21.23 19.91
N TRP D 221 8.39 -22.18 19.90
CA TRP D 221 8.65 -23.54 20.36
C TRP D 221 8.70 -24.56 19.23
N PHE D 222 7.86 -24.40 18.20
CA PHE D 222 7.85 -25.32 17.07
C PHE D 222 8.96 -25.08 16.06
N VAL D 223 9.73 -24.00 16.22
CA VAL D 223 10.79 -23.69 15.27
C VAL D 223 11.91 -24.71 15.40
N LYS D 224 12.29 -25.32 14.29
CA LYS D 224 13.32 -26.34 14.26
C LYS D 224 14.25 -26.10 13.07
N PRO D 225 15.54 -26.42 13.22
CA PRO D 225 16.47 -26.22 12.08
C PRO D 225 16.14 -27.11 10.89
N ASN D 226 15.56 -28.29 11.13
CA ASN D 226 15.23 -29.18 10.02
C ASN D 226 14.25 -28.50 9.07
N ARG D 227 14.50 -28.70 7.77
CA ARG D 227 13.69 -28.06 6.75
C ARG D 227 13.29 -29.06 5.68
N THR D 228 12.14 -28.82 5.06
CA THR D 228 11.63 -29.63 3.97
C THR D 228 11.47 -28.75 2.74
N SER D 229 12.04 -29.19 1.62
CA SER D 229 12.00 -28.40 0.40
C SER D 229 10.57 -28.23 -0.09
N VAL D 230 10.35 -27.15 -0.84
CA VAL D 230 9.05 -26.93 -1.45
C VAL D 230 8.67 -28.09 -2.37
N VAL D 231 9.67 -28.63 -3.05
CA VAL D 231 9.44 -29.76 -3.93
C VAL D 231 9.14 -30.96 -3.05
N SER D 232 9.88 -31.11 -1.97
CA SER D 232 9.66 -32.21 -1.06
C SER D 232 8.28 -32.12 -0.42
N PHE D 233 7.87 -30.91 -0.06
N PHE D 233 7.89 -30.91 -0.04
CA PHE D 233 6.56 -30.70 0.57
CA PHE D 233 6.58 -30.67 0.55
C PHE D 233 5.41 -30.88 -0.41
C PHE D 233 5.41 -30.88 -0.41
N ASN D 234 5.57 -30.39 -1.64
CA ASN D 234 4.50 -30.51 -2.62
C ASN D 234 4.12 -31.93 -2.99
N GLU D 235 5.11 -32.79 -3.10
CA GLU D 235 4.81 -34.18 -3.33
C GLU D 235 4.95 -34.71 -1.93
N TRP D 236 3.78 -34.88 -1.31
CA TRP D 236 3.42 -35.28 0.08
C TRP D 236 2.10 -34.58 0.36
N ALA D 237 1.97 -33.35 -0.13
CA ALA D 237 0.75 -32.58 0.02
C ALA D 237 -0.38 -33.24 -0.75
N LEU D 238 -0.05 -33.78 -1.92
CA LEU D 238 -1.00 -34.46 -2.79
C LEU D 238 -1.62 -35.66 -2.10
N ALA D 239 -0.83 -36.40 -1.34
CA ALA D 239 -1.33 -37.57 -0.61
C ALA D 239 -1.94 -37.28 0.76
N ASN D 240 -1.56 -36.18 1.41
CA ASN D 240 -2.08 -35.90 2.74
C ASN D 240 -3.06 -34.73 2.75
N GLN D 241 -3.77 -34.52 1.65
CA GLN D 241 -4.85 -33.53 1.57
C GLN D 241 -4.37 -32.13 1.94
N PHE D 242 -3.15 -31.79 1.51
CA PHE D 242 -2.63 -30.44 1.61
C PHE D 242 -2.51 -29.86 0.20
N THR D 243 -2.76 -28.57 0.07
CA THR D 243 -2.61 -27.95 -1.25
C THR D 243 -1.15 -27.78 -1.61
N GLU D 244 -0.90 -27.57 -2.90
CA GLU D 244 0.45 -27.35 -3.39
C GLU D 244 0.95 -26.00 -2.91
N PHE D 245 2.08 -26.01 -2.21
CA PHE D 245 2.64 -24.77 -1.67
C PHE D 245 3.28 -23.95 -2.80
N VAL D 246 2.83 -22.72 -2.95
CA VAL D 246 3.42 -21.76 -3.88
C VAL D 246 3.76 -20.51 -3.09
N GLY D 247 5.04 -20.11 -3.13
CA GLY D 247 5.47 -18.94 -2.39
C GLY D 247 5.04 -17.64 -3.04
N THR D 248 4.92 -16.62 -2.19
CA THR D 248 4.58 -15.27 -2.64
C THR D 248 5.46 -14.27 -1.91
N GLN D 249 5.33 -13.00 -2.30
CA GLN D 249 6.11 -11.93 -1.66
C GLN D 249 5.73 -11.79 -0.19
N SER D 250 4.46 -12.00 0.13
CA SER D 250 4.01 -11.84 1.51
C SER D 250 4.64 -12.88 2.43
N VAL D 251 4.81 -14.10 1.94
CA VAL D 251 5.49 -15.14 2.74
C VAL D 251 6.96 -14.78 2.89
N ASP D 252 7.58 -14.24 1.84
CA ASP D 252 8.97 -13.85 1.93
C ASP D 252 9.17 -12.71 2.91
N MET D 253 8.23 -11.76 2.94
CA MET D 253 8.31 -10.66 3.90
C MET D 253 8.23 -11.18 5.33
N LEU D 254 7.39 -12.20 5.56
CA LEU D 254 7.28 -12.78 6.89
C LEU D 254 8.54 -13.56 7.27
N ALA D 255 9.25 -14.10 6.27
CA ALA D 255 10.52 -14.76 6.56
C ALA D 255 11.59 -13.75 6.94
N VAL D 256 11.60 -12.60 6.28
CA VAL D 256 12.59 -11.57 6.60
C VAL D 256 12.36 -11.01 8.01
N LYS D 257 11.10 -10.78 8.37
CA LYS D 257 10.79 -10.25 9.70
C LYS D 257 11.14 -11.26 10.79
N THR D 258 10.79 -12.53 10.58
CA THR D 258 11.01 -13.56 11.59
C THR D 258 12.44 -14.07 11.59
N GLY D 259 13.09 -14.11 10.43
CA GLY D 259 14.37 -14.78 10.30
C GLY D 259 14.27 -16.29 10.17
N VAL D 260 13.07 -16.85 10.21
CA VAL D 260 12.86 -18.28 10.06
C VAL D 260 12.57 -18.59 8.61
N ALA D 261 13.29 -19.56 8.05
CA ALA D 261 13.11 -19.91 6.65
C ALA D 261 11.77 -20.59 6.42
N ILE D 262 11.23 -20.41 5.21
CA ILE D 262 9.98 -21.07 4.83
C ILE D 262 10.11 -22.58 4.96
N GLU D 263 11.28 -23.12 4.66
CA GLU D 263 11.45 -24.56 4.67
C GLU D 263 11.38 -25.13 6.08
N GLN D 264 11.77 -24.36 7.08
N GLN D 264 11.77 -24.37 7.09
CA GLN D 264 11.63 -24.83 8.47
CA GLN D 264 11.63 -24.83 8.47
C GLN D 264 10.17 -24.92 8.87
C GLN D 264 10.17 -24.92 8.87
N LEU D 265 9.36 -23.93 8.49
CA LEU D 265 7.93 -23.99 8.76
C LEU D 265 7.26 -25.10 7.95
N LEU D 266 7.79 -25.39 6.77
CA LEU D 266 7.21 -26.44 5.94
C LEU D 266 7.40 -27.80 6.58
N TYR D 267 8.56 -28.00 7.22
CA TYR D 267 8.82 -29.25 7.94
C TYR D 267 8.00 -29.33 9.21
N ALA D 268 7.82 -28.20 9.90
CA ALA D 268 6.99 -28.19 11.11
C ALA D 268 5.54 -28.49 10.78
N ILE D 269 5.03 -27.97 9.66
CA ILE D 269 3.65 -28.22 9.27
C ILE D 269 3.43 -29.71 9.03
N GLN D 270 4.44 -30.41 8.52
CA GLN D 270 4.34 -31.86 8.40
C GLN D 270 4.33 -32.53 9.77
N GLN D 271 5.19 -32.08 10.67
CA GLN D 271 5.25 -32.66 12.01
C GLN D 271 3.98 -32.33 12.81
N LEU D 272 3.46 -31.12 12.64
CA LEU D 272 2.27 -30.71 13.38
C LEU D 272 0.99 -31.33 12.83
N TYR D 273 1.03 -31.86 11.60
CA TYR D 273 -0.12 -32.58 11.06
C TYR D 273 -0.51 -33.75 11.94
N THR D 274 0.48 -34.42 12.52
CA THR D 274 0.24 -35.55 13.42
C THR D 274 0.32 -35.09 14.87
N GLY D 275 -0.47 -34.09 15.20
CA GLY D 275 -0.63 -33.67 16.57
C GLY D 275 0.26 -32.49 16.93
N PHE D 276 -0.19 -31.71 17.91
CA PHE D 276 0.58 -30.61 18.48
C PHE D 276 1.28 -31.00 19.77
N GLN D 277 1.24 -32.28 20.14
CA GLN D 277 1.78 -32.80 21.40
C GLN D 277 1.19 -32.05 22.59
N GLY D 278 -0.12 -31.88 22.58
CA GLY D 278 -0.81 -31.23 23.69
C GLY D 278 -0.40 -29.80 23.92
N LYS D 279 0.18 -29.16 22.91
CA LYS D 279 0.59 -27.77 23.04
C LYS D 279 -0.30 -26.93 22.16
N GLN D 280 -0.26 -25.62 22.35
CA GLN D 280 -1.07 -24.74 21.52
C GLN D 280 -0.21 -23.67 20.87
N ILE D 281 -0.44 -23.44 19.60
CA ILE D 281 0.26 -22.41 18.87
C ILE D 281 -0.72 -21.28 18.95
N LEU D 282 -0.33 -20.18 19.57
CA LEU D 282 -1.18 -19.02 19.77
C LEU D 282 -2.41 -19.53 20.51
N GLY D 283 -3.60 -19.31 19.96
CA GLY D 283 -4.80 -19.78 20.63
C GLY D 283 -5.44 -21.11 20.25
N SER D 284 -4.93 -21.83 19.26
CA SER D 284 -5.57 -23.08 18.83
C SER D 284 -4.78 -24.37 18.99
N THR D 285 -5.49 -25.49 18.84
CA THR D 285 -4.88 -26.81 18.93
C THR D 285 -4.82 -27.53 17.58
N MET D 286 -5.62 -27.10 16.61
CA MET D 286 -5.52 -27.63 15.26
C MET D 286 -4.70 -26.68 14.39
N LEU D 287 -4.46 -27.07 13.14
CA LEU D 287 -3.71 -26.24 12.21
C LEU D 287 -4.67 -25.25 11.56
N GLU D 288 -4.37 -23.96 11.70
CA GLU D 288 -5.20 -22.91 11.13
C GLU D 288 -4.71 -22.56 9.73
N ASP D 289 -5.65 -22.53 8.77
CA ASP D 289 -5.33 -22.19 7.39
C ASP D 289 -6.24 -21.10 6.84
N GLU D 290 -6.86 -20.32 7.72
CA GLU D 290 -7.72 -19.21 7.31
C GLU D 290 -7.07 -17.86 7.51
N PHE D 291 -5.78 -17.83 7.83
CA PHE D 291 -5.01 -16.60 7.98
C PHE D 291 -3.99 -16.53 6.85
N THR D 292 -4.24 -15.68 5.87
CA THR D 292 -3.34 -15.53 4.74
C THR D 292 -2.08 -14.78 5.16
N PRO D 293 -1.00 -14.88 4.37
CA PRO D 293 0.20 -14.08 4.66
C PRO D 293 -0.07 -12.59 4.56
N GLU D 294 -0.95 -12.16 3.66
CA GLU D 294 -1.37 -10.77 3.61
C GLU D 294 -2.06 -10.37 4.91
N ASP D 295 -2.85 -11.28 5.48
CA ASP D 295 -3.55 -10.98 6.73
C ASP D 295 -2.58 -10.85 7.89
N VAL D 296 -1.57 -11.73 7.95
CA VAL D 296 -0.58 -11.66 9.03
C VAL D 296 0.26 -10.39 8.90
N ASN D 297 0.68 -10.06 7.68
CA ASN D 297 1.42 -8.82 7.45
C ASN D 297 0.61 -7.61 7.87
N MET D 298 -0.68 -7.62 7.58
CA MET D 298 -1.53 -6.50 7.93
C MET D 298 -1.78 -6.34 9.41
N GLN D 299 -1.79 -7.44 10.13
CA GLN D 299 -2.16 -7.40 11.54
C GLN D 299 -0.97 -7.14 12.47
N ILE D 300 0.25 -7.45 12.05
CA ILE D 300 1.40 -7.20 12.91
C ILE D 300 2.24 -6.05 12.35
N MET D 301 2.20 -5.88 11.02
CA MET D 301 3.01 -4.89 10.32
C MET D 301 4.49 -5.01 10.67
N GLY D 302 5.07 -3.93 11.18
CA GLY D 302 6.49 -3.90 11.49
C GLY D 302 7.30 -3.28 10.38
N VAL D 303 8.41 -2.65 10.76
CA VAL D 303 9.31 -2.03 9.80
C VAL D 303 10.46 -3.00 9.54
N VAL D 304 11.24 -2.72 8.50
CA VAL D 304 12.30 -3.61 8.06
C VAL D 304 13.54 -2.78 7.76
N MET D 305 14.63 -3.05 8.48
CA MET D 305 15.91 -2.42 8.17
C MET D 305 16.35 -2.80 6.76
N GLN D 306 16.92 -1.84 6.04
CA GLN D 306 17.42 -2.11 4.70
C GLN D 306 18.90 -1.78 4.61
C1 GOL E . 15.88 17.53 -7.46
O1 GOL E . 16.31 17.18 -6.18
C2 GOL E . 15.03 18.82 -7.31
O2 GOL E . 15.78 19.96 -7.53
C3 GOL E . 13.89 18.65 -8.34
O3 GOL E . 12.70 18.59 -7.61
C1 GOL F . 28.58 23.12 6.28
O1 GOL F . 27.89 23.93 7.19
C2 GOL F . 29.52 22.19 7.09
O2 GOL F . 28.81 21.27 7.86
C3 GOL F . 30.39 21.49 6.01
O3 GOL F . 31.43 22.36 5.71
C1 GOL G . -3.12 11.23 0.42
O1 GOL G . -3.36 12.34 1.24
C2 GOL G . -1.87 11.56 -0.42
O2 GOL G . -0.69 11.29 0.25
C3 GOL G . -2.02 10.73 -1.71
O3 GOL G . -0.88 10.97 -2.47
C1 GOL H . 14.93 21.68 -28.03
O1 GOL H . 14.76 22.03 -26.69
C2 GOL H . 16.12 22.51 -28.58
O2 GOL H . 15.79 23.85 -28.77
C3 GOL H . 17.25 22.33 -27.54
O3 GOL H . 18.24 23.25 -27.85
NA NA I . 41.95 -0.05 -22.30
NA NA J . -8.07 -24.45 -18.38
NA NA K . 15.13 -17.11 -8.61
C1 GOL L . -3.03 1.23 21.33
O1 GOL L . -2.50 2.51 21.42
C2 GOL L . -2.00 0.26 21.96
O2 GOL L . -1.90 0.44 23.33
C3 GOL L . -2.49 -1.16 21.58
O3 GOL L . -1.40 -1.84 21.03
C1 GOL M . -24.13 -15.01 28.09
O1 GOL M . -22.90 -15.00 28.76
C2 GOL M . -25.24 -15.19 29.16
O2 GOL M . -24.70 -15.41 30.42
C3 GOL M . -26.08 -16.39 28.67
O3 GOL M . -27.03 -15.89 27.78
C1 GOL N . -2.24 -1.10 10.94
O1 GOL N . -2.37 0.23 10.50
C2 GOL N . -3.58 -1.80 10.63
O2 GOL N . -3.74 -2.04 9.28
C3 GOL N . -3.53 -3.12 11.46
O3 GOL N . -4.81 -3.68 11.39
C1 GOL O . -23.67 -9.85 25.03
O1 GOL O . -23.09 -8.82 24.30
C2 GOL O . -23.15 -11.19 24.46
O2 GOL O . -22.92 -12.13 25.45
C3 GOL O . -24.24 -11.64 23.45
O3 GOL O . -23.59 -12.06 22.29
C1 GOL P . -35.68 -18.02 12.27
O1 GOL P . -36.46 -16.95 12.72
C2 GOL P . -35.23 -17.68 10.83
O2 GOL P . -34.58 -18.75 10.24
C3 GOL P . -34.30 -16.45 10.98
O3 GOL P . -33.71 -16.22 9.73
NA NA Q . -12.31 -19.69 44.70
NA NA R . -50.16 -12.38 -8.23
#